data_6UJ5
#
_entry.id   6UJ5
#
_cell.length_a   50.870
_cell.length_b   52.750
_cell.length_c   71.130
_cell.angle_alpha   71.00
_cell.angle_beta   85.59
_cell.angle_gamma   64.61
#
_symmetry.space_group_name_H-M   'P 1'
#
loop_
_entity.id
_entity.type
_entity.pdbx_description
1 polymer 'Pantothenate kinase CAB1'
2 non-polymer 'MAGNESIUM ION'
3 water water
#
_entity_poly.entity_id   1
_entity_poly.type   'polypeptide(L)'
_entity_poly.pdbx_seq_one_letter_code
;MAHHHHHHMPRITQEISYNCDYGDNTFNLAIDIGGTLAKVVFSPIHSNRLMFYTIETEKIDKFMELLHSIIKEHNNGCYR
MTHIIATGGGAFKFYDLLYENFPQIKGISRFEEMEGLIHGLDFFIHEIPDEVFTYNDQDGERIIPTSSGTMDSKAIYPYL
LVNIGSGVSILKVTEPNNFSRVGGSSLGGGTLWGLLSLITGAQTYDQMLDWAQEGDNSSVDMLVGDIYGTDYNKIGLKSS
AIASSFGKVFQNRMTSNKSLENNENKLYSSHESIEKNNGQMFKNPDICKSLLFAISNNIGQIAYLQAKINNIQNIYFGGS
YTRGHLTTMNTLSYAINFWSQGSKQAFFLKHEGYLGAMGAFLSASRHSSTKKTST
;
_entity_poly.pdbx_strand_id   A,B
#
loop_
_chem_comp.id
_chem_comp.type
_chem_comp.name
_chem_comp.formula
MG non-polymer 'MAGNESIUM ION' 'Mg 2'
#
# COMPACT_ATOMS: atom_id res chain seq x y z
N GLN A 14 13.89 -0.79 -30.57
CA GLN A 14 12.52 -0.43 -30.94
C GLN A 14 12.47 0.77 -31.87
N GLU A 15 11.62 0.67 -32.91
CA GLU A 15 11.48 1.72 -33.91
C GLU A 15 10.04 1.83 -34.37
N ILE A 16 9.64 3.04 -34.74
CA ILE A 16 8.35 3.31 -35.36
C ILE A 16 8.60 4.11 -36.64
N SER A 17 7.88 3.78 -37.70
CA SER A 17 7.89 4.60 -38.90
C SER A 17 6.93 5.77 -38.75
N TYR A 18 7.44 6.97 -38.94
CA TYR A 18 6.60 8.16 -38.84
C TYR A 18 7.24 9.29 -39.63
N ASN A 19 6.45 9.97 -40.46
CA ASN A 19 6.95 11.06 -41.28
C ASN A 19 7.15 12.28 -40.40
N CYS A 20 8.35 12.39 -39.82
CA CYS A 20 8.66 13.49 -38.92
C CYS A 20 8.92 14.76 -39.71
N ASP A 21 8.83 15.90 -39.02
CA ASP A 21 9.16 17.18 -39.60
C ASP A 21 10.61 17.51 -39.27
N TYR A 22 11.44 17.65 -40.29
CA TYR A 22 12.85 17.99 -40.10
C TYR A 22 13.17 19.39 -40.61
N GLY A 23 12.19 20.30 -40.55
CA GLY A 23 12.39 21.64 -41.09
C GLY A 23 13.56 22.38 -40.46
N ASP A 24 13.81 22.14 -39.16
CA ASP A 24 14.94 22.77 -38.50
C ASP A 24 16.27 22.10 -38.83
N ASN A 25 16.26 21.02 -39.60
CA ASN A 25 17.47 20.27 -39.99
C ASN A 25 18.30 19.90 -38.76
N THR A 26 17.63 19.48 -37.71
CA THR A 26 18.28 19.24 -36.42
C THR A 26 17.99 17.82 -35.97
N PHE A 27 18.99 17.20 -35.35
CA PHE A 27 18.83 15.90 -34.70
C PHE A 27 18.32 16.15 -33.30
N ASN A 28 17.04 15.85 -33.07
CA ASN A 28 16.40 16.08 -31.78
C ASN A 28 16.52 14.82 -30.93
N LEU A 29 17.01 14.99 -29.70
CA LEU A 29 17.30 13.88 -28.80
C LEU A 29 16.61 14.19 -27.47
N ALA A 30 15.49 13.51 -27.20
CA ALA A 30 14.72 13.75 -26.00
C ALA A 30 15.09 12.71 -24.97
N ILE A 31 15.29 13.15 -23.74
CA ILE A 31 15.71 12.25 -22.67
C ILE A 31 14.80 12.46 -21.47
N ASP A 32 14.14 11.39 -21.02
CA ASP A 32 13.33 11.39 -19.81
C ASP A 32 14.22 10.88 -18.69
N ILE A 33 14.55 11.78 -17.77
CA ILE A 33 15.47 11.47 -16.69
C ILE A 33 14.62 11.20 -15.46
N GLY A 34 14.42 9.92 -15.16
CA GLY A 34 13.65 9.50 -14.01
C GLY A 34 14.52 9.18 -12.82
N GLY A 35 13.88 8.67 -11.77
CA GLY A 35 14.62 8.32 -10.57
C GLY A 35 15.59 7.17 -10.77
N THR A 36 15.24 6.21 -11.62
CA THR A 36 16.02 4.99 -11.79
C THR A 36 16.40 4.71 -13.23
N LEU A 37 15.55 5.06 -14.18
CA LEU A 37 15.75 4.74 -15.58
C LEU A 37 15.76 6.04 -16.39
N ALA A 38 16.54 6.05 -17.47
CA ALA A 38 16.49 7.12 -18.45
C ALA A 38 15.97 6.57 -19.77
N LYS A 39 15.04 7.29 -20.38
CA LYS A 39 14.41 6.88 -21.63
C LYS A 39 14.72 7.94 -22.66
N VAL A 40 15.16 7.51 -23.83
CA VAL A 40 15.44 8.47 -24.89
C VAL A 40 14.58 8.15 -26.11
N VAL A 41 14.17 9.20 -26.81
CA VAL A 41 13.49 9.14 -28.09
C VAL A 41 14.24 10.06 -29.03
N PHE A 42 14.54 9.59 -30.24
CA PHE A 42 15.27 10.43 -31.19
C PHE A 42 14.95 10.00 -32.61
N SER A 43 15.27 10.88 -33.57
CA SER A 43 15.07 10.48 -34.96
C SER A 43 16.22 11.00 -35.82
N PRO A 44 17.04 10.11 -36.40
CA PRO A 44 18.06 10.56 -37.34
C PRO A 44 17.42 11.43 -38.43
N ILE A 45 18.11 12.50 -38.81
CA ILE A 45 17.49 13.51 -39.65
C ILE A 45 17.11 12.89 -40.99
N HIS A 46 15.89 13.17 -41.44
CA HIS A 46 15.35 12.70 -42.71
C HIS A 46 15.23 11.19 -42.78
N SER A 47 15.22 10.51 -41.63
CA SER A 47 15.08 9.06 -41.62
C SER A 47 13.63 8.60 -41.53
N ASN A 48 12.74 9.43 -40.99
CA ASN A 48 11.34 9.08 -40.76
C ASN A 48 11.20 7.85 -39.86
N ARG A 49 12.16 7.64 -38.96
CA ARG A 49 12.13 6.57 -37.98
C ARG A 49 12.25 7.18 -36.59
N LEU A 50 11.33 6.84 -35.70
CA LEU A 50 11.44 7.15 -34.29
C LEU A 50 12.09 5.99 -33.58
N MET A 51 13.14 6.27 -32.81
CA MET A 51 13.88 5.22 -32.11
C MET A 51 13.81 5.48 -30.62
N PHE A 52 13.82 4.38 -29.86
CA PHE A 52 13.56 4.39 -28.44
C PHE A 52 14.63 3.59 -27.72
N TYR A 53 15.14 4.12 -26.62
CA TYR A 53 16.13 3.35 -25.86
C TYR A 53 16.01 3.67 -24.38
N THR A 54 16.26 2.67 -23.55
CA THR A 54 16.20 2.81 -22.10
C THR A 54 17.52 2.36 -21.50
N ILE A 55 18.02 3.13 -20.53
CA ILE A 55 19.22 2.75 -19.78
C ILE A 55 18.95 2.92 -18.30
N GLU A 56 19.69 2.17 -17.49
CA GLU A 56 19.58 2.17 -16.03
C GLU A 56 20.61 3.13 -15.49
N THR A 57 20.21 4.40 -15.33
CA THR A 57 21.14 5.48 -15.02
C THR A 57 21.64 5.44 -13.58
N GLU A 58 22.16 4.29 -13.13
CA GLU A 58 22.73 4.21 -11.79
C GLU A 58 23.90 5.18 -11.64
N LYS A 59 24.90 5.04 -12.50
CA LYS A 59 26.03 5.96 -12.54
C LYS A 59 25.76 6.99 -13.63
N ILE A 60 25.67 8.26 -13.23
CA ILE A 60 25.34 9.33 -14.18
C ILE A 60 26.36 9.39 -15.31
N ASP A 61 27.60 8.99 -15.05
CA ASP A 61 28.61 8.97 -16.10
C ASP A 61 28.18 8.08 -17.26
N LYS A 62 27.71 6.87 -16.96
CA LYS A 62 27.31 5.92 -18.00
C LYS A 62 26.10 6.39 -18.79
N PHE A 63 25.30 7.30 -18.23
CA PHE A 63 24.15 7.84 -18.95
C PHE A 63 24.57 8.92 -19.94
N MET A 64 25.49 9.80 -19.53
CA MET A 64 26.07 10.76 -20.48
C MET A 64 26.76 10.03 -21.62
N GLU A 65 27.39 8.90 -21.32
CA GLU A 65 28.14 8.18 -22.36
C GLU A 65 27.22 7.58 -23.40
N LEU A 66 26.01 7.17 -23.01
CA LEU A 66 25.03 6.72 -23.99
C LEU A 66 24.62 7.85 -24.93
N LEU A 67 24.34 9.02 -24.39
CA LEU A 67 23.97 10.16 -25.23
C LEU A 67 25.08 10.47 -26.23
N HIS A 68 26.33 10.41 -25.78
CA HIS A 68 27.44 10.64 -26.70
C HIS A 68 27.45 9.61 -27.82
N SER A 69 27.18 8.34 -27.47
CA SER A 69 27.22 7.27 -28.45
C SER A 69 26.08 7.40 -29.46
N ILE A 70 24.92 7.86 -29.00
CA ILE A 70 23.80 8.08 -29.92
C ILE A 70 24.15 9.17 -30.92
N ILE A 71 24.74 10.26 -30.45
CA ILE A 71 25.12 11.35 -31.35
C ILE A 71 26.18 10.87 -32.33
N LYS A 72 27.12 10.04 -31.85
CA LYS A 72 28.16 9.54 -32.72
C LYS A 72 27.62 8.54 -33.74
N GLU A 73 26.75 7.63 -33.30
CA GLU A 73 26.29 6.57 -34.18
C GLU A 73 25.16 7.01 -35.10
N HIS A 74 24.32 7.94 -34.66
CA HIS A 74 23.08 8.25 -35.38
C HIS A 74 23.04 9.68 -35.92
N ASN A 75 24.06 10.50 -35.67
CA ASN A 75 24.13 11.83 -36.27
C ASN A 75 25.58 12.19 -36.64
N ASN A 76 26.40 11.18 -36.92
CA ASN A 76 27.75 11.39 -37.44
C ASN A 76 28.61 12.22 -36.48
N GLY A 77 28.30 12.12 -35.19
CA GLY A 77 29.05 12.88 -34.19
C GLY A 77 28.89 14.37 -34.25
N CYS A 78 27.83 14.86 -34.90
CA CYS A 78 27.67 16.30 -35.08
C CYS A 78 26.85 16.86 -33.93
N TYR A 79 27.55 17.29 -32.88
CA TYR A 79 26.89 17.94 -31.75
C TYR A 79 26.21 19.24 -32.18
N ARG A 80 26.85 19.98 -33.09
CA ARG A 80 26.35 21.28 -33.53
C ARG A 80 24.99 21.19 -34.21
N MET A 81 24.59 20.02 -34.68
CA MET A 81 23.27 19.84 -35.28
C MET A 81 22.36 19.01 -34.38
N THR A 82 22.70 18.92 -33.09
CA THR A 82 21.92 18.13 -32.14
C THR A 82 21.30 19.06 -31.11
N HIS A 83 20.01 18.85 -30.84
CA HIS A 83 19.31 19.56 -29.80
C HIS A 83 18.77 18.54 -28.80
N ILE A 84 19.11 18.73 -27.52
CA ILE A 84 18.66 17.82 -26.46
C ILE A 84 17.48 18.45 -25.74
N ILE A 85 16.41 17.68 -25.56
CA ILE A 85 15.27 18.10 -24.76
C ILE A 85 15.26 17.21 -23.52
N ALA A 86 15.43 17.81 -22.35
CA ALA A 86 15.37 17.05 -21.11
C ALA A 86 13.96 17.10 -20.54
N THR A 87 13.43 15.94 -20.15
CA THR A 87 12.11 15.86 -19.52
C THR A 87 12.23 14.88 -18.36
N GLY A 88 11.09 14.46 -17.83
CA GLY A 88 11.09 13.62 -16.65
C GLY A 88 11.26 14.47 -15.41
N GLY A 89 11.21 13.79 -14.26
CA GLY A 89 11.32 14.52 -13.01
C GLY A 89 12.64 15.24 -12.86
N GLY A 90 13.70 14.71 -13.48
CA GLY A 90 15.02 15.30 -13.38
C GLY A 90 15.36 16.35 -14.41
N ALA A 91 14.42 16.76 -15.26
CA ALA A 91 14.73 17.65 -16.38
C ALA A 91 15.36 18.97 -15.91
N PHE A 92 14.69 19.67 -15.00
CA PHE A 92 15.23 20.96 -14.56
C PHE A 92 16.47 20.77 -13.69
N LYS A 93 16.50 19.69 -12.91
CA LYS A 93 17.63 19.42 -12.03
C LYS A 93 18.93 19.25 -12.81
N PHE A 94 18.92 18.45 -13.87
CA PHE A 94 20.12 18.03 -14.59
C PHE A 94 20.44 18.91 -15.78
N TYR A 95 19.73 20.01 -15.95
CA TYR A 95 19.94 20.88 -17.11
C TYR A 95 21.38 21.39 -17.16
N ASP A 96 21.89 21.91 -16.03
CA ASP A 96 23.24 22.46 -16.05
C ASP A 96 24.29 21.39 -16.33
N LEU A 97 24.11 20.19 -15.75
CA LEU A 97 25.05 19.11 -15.98
C LEU A 97 25.07 18.70 -17.45
N LEU A 98 23.91 18.71 -18.10
CA LEU A 98 23.89 18.40 -19.52
C LEU A 98 24.72 19.39 -20.31
N TYR A 99 24.60 20.68 -20.00
CA TYR A 99 25.40 21.68 -20.73
C TYR A 99 26.89 21.48 -20.47
N GLU A 100 27.26 21.10 -19.25
CA GLU A 100 28.66 20.83 -18.94
C GLU A 100 29.19 19.67 -19.78
N ASN A 101 28.35 18.67 -20.01
CA ASN A 101 28.79 17.45 -20.68
C ASN A 101 28.74 17.56 -22.20
N PHE A 102 27.96 18.50 -22.76
CA PHE A 102 27.79 18.62 -24.21
C PHE A 102 28.04 20.06 -24.65
N PRO A 103 29.30 20.52 -24.56
CA PRO A 103 29.57 21.93 -24.85
C PRO A 103 29.31 22.33 -26.29
N GLN A 104 29.42 21.42 -27.24
CA GLN A 104 29.24 21.77 -28.65
C GLN A 104 27.79 21.64 -29.12
N ILE A 105 26.87 21.35 -28.21
CA ILE A 105 25.49 21.07 -28.58
C ILE A 105 24.86 22.32 -29.19
N LYS A 106 23.96 22.11 -30.16
CA LYS A 106 23.19 23.23 -30.71
C LYS A 106 22.36 23.90 -29.64
N GLY A 107 21.66 23.13 -28.82
CA GLY A 107 20.95 23.71 -27.70
C GLY A 107 20.45 22.62 -26.79
N ILE A 108 20.08 23.04 -25.58
CA ILE A 108 19.39 22.16 -24.64
C ILE A 108 18.15 22.88 -24.14
N SER A 109 17.01 22.20 -24.16
CA SER A 109 15.78 22.76 -23.66
C SER A 109 15.16 21.78 -22.69
N ARG A 110 14.11 22.22 -22.03
CA ARG A 110 13.43 21.40 -21.05
C ARG A 110 11.97 21.25 -21.44
N PHE A 111 11.35 20.20 -20.91
CA PHE A 111 9.92 20.04 -21.09
C PHE A 111 9.40 19.41 -19.80
N GLU A 112 8.42 20.06 -19.21
CA GLU A 112 7.94 19.66 -17.88
C GLU A 112 7.38 18.26 -17.93
N GLU A 113 7.53 17.53 -16.82
CA GLU A 113 7.29 16.09 -16.79
C GLU A 113 5.85 15.75 -17.15
N MET A 114 4.90 16.36 -16.46
CA MET A 114 3.51 15.97 -16.70
CA MET A 114 3.48 16.03 -16.68
C MET A 114 3.07 16.33 -18.11
N GLU A 115 3.44 17.51 -18.60
CA GLU A 115 3.08 17.88 -19.97
C GLU A 115 3.75 16.95 -20.98
N GLY A 116 4.98 16.52 -20.69
CA GLY A 116 5.61 15.55 -21.57
C GLY A 116 4.83 14.25 -21.65
N LEU A 117 4.41 13.73 -20.49
CA LEU A 117 3.68 12.47 -20.47
C LEU A 117 2.41 12.56 -21.30
N ILE A 118 1.65 13.65 -21.14
CA ILE A 118 0.35 13.72 -21.78
C ILE A 118 0.48 13.98 -23.27
N HIS A 119 1.40 14.87 -23.66
CA HIS A 119 1.61 15.07 -25.10
C HIS A 119 2.06 13.78 -25.77
N GLY A 120 2.93 13.02 -25.11
CA GLY A 120 3.39 11.76 -25.67
C GLY A 120 2.30 10.71 -25.70
N LEU A 121 1.49 10.65 -24.65
CA LEU A 121 0.39 9.68 -24.65
C LEU A 121 -0.66 10.03 -25.70
N ASP A 122 -1.03 11.31 -25.80
CA ASP A 122 -1.98 11.72 -26.83
C ASP A 122 -1.47 11.40 -28.23
N PHE A 123 -0.16 11.54 -28.44
CA PHE A 123 0.44 11.21 -29.73
C PHE A 123 0.31 9.72 -30.03
N PHE A 124 0.62 8.87 -29.04
CA PHE A 124 0.51 7.44 -29.27
C PHE A 124 -0.96 7.03 -29.47
N ILE A 125 -1.87 7.64 -28.74
CA ILE A 125 -3.29 7.31 -28.88
C ILE A 125 -3.78 7.69 -30.27
N HIS A 126 -3.48 8.91 -30.71
CA HIS A 126 -4.10 9.44 -31.90
C HIS A 126 -3.31 9.16 -33.19
N GLU A 127 -2.00 8.95 -33.11
CA GLU A 127 -1.20 8.91 -34.33
C GLU A 127 -0.62 7.54 -34.68
N ILE A 128 -0.36 6.69 -33.69
CA ILE A 128 0.43 5.48 -33.91
C ILE A 128 -0.52 4.28 -33.87
N PRO A 129 -0.54 3.45 -34.90
CA PRO A 129 -1.42 2.27 -34.89
C PRO A 129 -0.85 1.15 -34.04
N ASP A 130 -1.75 0.29 -33.56
CA ASP A 130 -1.38 -0.93 -32.85
C ASP A 130 -0.52 -0.62 -31.63
N GLU A 131 -0.83 0.50 -30.97
CA GLU A 131 -0.07 0.96 -29.82
C GLU A 131 -0.83 0.83 -28.51
N VAL A 132 -2.16 0.95 -28.54
CA VAL A 132 -2.99 0.85 -27.33
C VAL A 132 -3.65 -0.51 -27.33
N PHE A 133 -3.64 -1.19 -26.18
CA PHE A 133 -4.25 -2.50 -26.13
C PHE A 133 -4.77 -2.81 -24.73
N THR A 134 -5.77 -3.68 -24.67
CA THR A 134 -6.20 -4.27 -23.42
C THR A 134 -5.59 -5.66 -23.28
N TYR A 135 -5.41 -6.11 -22.05
CA TYR A 135 -4.95 -7.47 -21.83
C TYR A 135 -5.62 -8.07 -20.61
N ASN A 136 -6.09 -9.31 -20.75
CA ASN A 136 -6.40 -10.16 -19.61
C ASN A 136 -6.16 -11.61 -20.00
N ASP A 137 -6.09 -12.48 -18.99
CA ASP A 137 -5.75 -13.87 -19.25
C ASP A 137 -6.84 -14.62 -20.02
N GLN A 138 -8.08 -14.15 -20.00
CA GLN A 138 -9.17 -14.86 -20.66
C GLN A 138 -9.29 -14.49 -22.14
N ASP A 139 -9.26 -13.19 -22.45
CA ASP A 139 -9.41 -12.68 -23.80
C ASP A 139 -8.08 -12.47 -24.51
N GLY A 140 -6.96 -12.45 -23.79
CA GLY A 140 -5.68 -12.16 -24.40
C GLY A 140 -5.51 -10.67 -24.69
N GLU A 141 -4.66 -10.39 -25.65
CA GLU A 141 -4.38 -9.02 -26.07
C GLU A 141 -5.36 -8.59 -27.15
N ARG A 142 -5.97 -7.43 -26.98
CA ARG A 142 -6.88 -6.85 -27.97
C ARG A 142 -6.40 -5.44 -28.30
N ILE A 143 -5.96 -5.22 -29.53
CA ILE A 143 -5.52 -3.89 -29.93
C ILE A 143 -6.74 -3.00 -30.04
N ILE A 144 -6.64 -1.79 -29.49
CA ILE A 144 -7.71 -0.81 -29.55
C ILE A 144 -7.38 0.16 -30.69
N PRO A 145 -8.27 0.33 -31.66
CA PRO A 145 -7.98 1.19 -32.84
C PRO A 145 -8.17 2.67 -32.54
N THR A 146 -7.44 3.18 -31.55
CA THR A 146 -7.62 4.56 -31.12
C THR A 146 -7.23 5.55 -32.23
N SER A 147 -6.21 5.22 -33.03
CA SER A 147 -5.78 6.12 -34.08
C SER A 147 -6.65 6.05 -35.34
N SER A 148 -7.78 5.33 -35.29
CA SER A 148 -8.69 5.27 -36.43
C SER A 148 -9.29 6.63 -36.74
N ALA A 155 -14.95 9.55 -27.11
CA ALA A 155 -14.73 8.16 -26.72
C ALA A 155 -13.39 8.03 -25.97
N ILE A 156 -12.43 8.90 -26.28
CA ILE A 156 -11.09 8.83 -25.72
C ILE A 156 -10.99 9.55 -24.39
N TYR A 157 -11.56 10.72 -24.30
CA TYR A 157 -11.54 11.56 -23.11
C TYR A 157 -12.86 11.42 -22.34
N PRO A 158 -12.84 11.64 -21.02
CA PRO A 158 -11.65 11.86 -20.20
C PRO A 158 -10.92 10.56 -19.90
N TYR A 159 -9.65 10.64 -19.50
CA TYR A 159 -8.94 9.45 -19.11
C TYR A 159 -7.98 9.79 -17.98
N LEU A 160 -7.56 8.76 -17.28
CA LEU A 160 -6.52 8.86 -16.26
C LEU A 160 -5.27 8.21 -16.82
N LEU A 161 -4.11 8.83 -16.60
CA LEU A 161 -2.83 8.18 -16.85
C LEU A 161 -2.20 7.86 -15.50
N VAL A 162 -1.94 6.58 -15.26
CA VAL A 162 -1.25 6.11 -14.08
C VAL A 162 0.14 5.78 -14.55
N ASN A 163 1.10 6.64 -14.24
CA ASN A 163 2.46 6.48 -14.73
C ASN A 163 3.30 5.87 -13.62
N ILE A 164 3.77 4.65 -13.84
CA ILE A 164 4.39 3.88 -12.77
C ILE A 164 5.88 3.80 -13.04
N GLY A 165 6.68 4.33 -12.10
N GLY A 165 6.68 4.43 -12.17
CA GLY A 165 8.11 4.13 -12.12
CA GLY A 165 8.11 4.36 -12.27
C GLY A 165 8.69 4.32 -10.74
C GLY A 165 8.72 4.10 -10.92
N SER A 166 9.54 5.34 -10.59
N SER A 166 9.55 5.03 -10.43
CA SER A 166 9.96 5.81 -9.28
CA SER A 166 10.01 4.97 -9.05
C SER A 166 8.77 6.46 -8.60
C SER A 166 8.82 4.99 -8.10
N GLY A 167 7.97 5.65 -7.91
N GLY A 167 8.02 6.04 -8.17
CA GLY A 167 6.69 6.11 -7.45
CA GLY A 167 6.74 6.13 -7.52
C GLY A 167 5.67 6.11 -8.57
C GLY A 167 5.61 5.93 -8.49
N VAL A 168 4.48 6.57 -8.23
CA VAL A 168 3.32 6.52 -9.12
C VAL A 168 2.76 7.92 -9.24
N SER A 169 2.63 8.41 -10.47
CA SER A 169 2.00 9.69 -10.76
C SER A 169 0.68 9.43 -11.44
N ILE A 170 -0.35 10.18 -11.08
CA ILE A 170 -1.66 9.96 -11.67
C ILE A 170 -2.16 11.30 -12.21
N LEU A 171 -2.40 11.34 -13.51
CA LEU A 171 -2.81 12.56 -14.21
C LEU A 171 -4.20 12.36 -14.77
N LYS A 172 -5.00 13.41 -14.72
CA LYS A 172 -6.36 13.44 -15.25
C LYS A 172 -6.36 14.31 -16.50
N VAL A 173 -6.90 13.79 -17.61
CA VAL A 173 -6.92 14.50 -18.88
C VAL A 173 -8.37 14.56 -19.33
N THR A 174 -8.94 15.77 -19.39
CA THR A 174 -10.34 15.91 -19.73
C THR A 174 -10.57 16.13 -21.22
N GLU A 175 -9.58 16.71 -21.89
CA GLU A 175 -9.58 17.00 -23.32
C GLU A 175 -8.15 17.25 -23.74
N PRO A 176 -7.86 17.28 -25.04
CA PRO A 176 -6.47 17.51 -25.47
C PRO A 176 -5.91 18.80 -24.88
N ASN A 177 -4.66 18.72 -24.41
CA ASN A 177 -3.95 19.86 -23.83
C ASN A 177 -4.65 20.40 -22.58
N ASN A 178 -5.45 19.60 -21.90
CA ASN A 178 -6.03 20.01 -20.62
C ASN A 178 -5.89 18.87 -19.62
N PHE A 179 -4.96 19.02 -18.68
CA PHE A 179 -4.63 17.95 -17.76
C PHE A 179 -4.22 18.55 -16.43
N SER A 180 -4.26 17.71 -15.39
CA SER A 180 -3.84 18.11 -14.05
C SER A 180 -3.44 16.86 -13.28
N ARG A 181 -2.70 17.08 -12.20
CA ARG A 181 -2.26 15.99 -11.35
C ARG A 181 -3.26 15.74 -10.24
N VAL A 182 -3.54 14.46 -9.98
CA VAL A 182 -4.25 14.03 -8.80
C VAL A 182 -3.29 13.19 -7.98
N GLY A 183 -3.69 12.87 -6.75
CA GLY A 183 -2.78 12.18 -5.85
C GLY A 183 -2.21 10.86 -6.34
N GLY A 184 -0.90 10.70 -6.21
CA GLY A 184 -0.19 9.50 -6.58
C GLY A 184 0.20 8.67 -5.38
N SER A 185 1.30 7.93 -5.50
CA SER A 185 1.69 7.00 -4.45
C SER A 185 3.20 6.82 -4.50
N SER A 186 3.79 6.60 -3.33
CA SER A 186 5.21 6.25 -3.30
C SER A 186 5.46 4.76 -3.44
N LEU A 187 4.41 3.93 -3.51
CA LEU A 187 4.56 2.48 -3.61
C LEU A 187 4.48 2.10 -5.08
N GLY A 188 5.60 2.29 -5.77
CA GLY A 188 5.62 2.04 -7.20
C GLY A 188 6.58 0.96 -7.62
N GLY A 189 7.07 1.04 -8.86
CA GLY A 189 7.98 0.02 -9.35
C GLY A 189 9.26 -0.07 -8.54
N GLY A 190 9.78 1.07 -8.08
CA GLY A 190 10.98 1.04 -7.27
C GLY A 190 10.79 0.28 -5.96
N THR A 191 9.60 0.38 -5.37
CA THR A 191 9.31 -0.36 -4.15
C THR A 191 9.34 -1.86 -4.43
N LEU A 192 8.69 -2.29 -5.50
CA LEU A 192 8.64 -3.71 -5.82
C LEU A 192 10.03 -4.26 -6.14
N TRP A 193 10.77 -3.57 -7.01
CA TRP A 193 12.10 -4.06 -7.37
C TRP A 193 13.06 -3.99 -6.18
N GLY A 194 12.95 -2.94 -5.37
CA GLY A 194 13.79 -2.84 -4.19
C GLY A 194 13.52 -3.94 -3.17
N LEU A 195 12.24 -4.17 -2.86
CA LEU A 195 11.89 -5.25 -1.93
C LEU A 195 12.38 -6.60 -2.45
N LEU A 196 12.05 -6.90 -3.71
CA LEU A 196 12.38 -8.23 -4.24
C LEU A 196 13.87 -8.41 -4.38
N SER A 197 14.60 -7.37 -4.78
CA SER A 197 16.05 -7.47 -4.86
C SER A 197 16.66 -7.81 -3.51
N LEU A 198 16.25 -7.08 -2.47
CA LEU A 198 16.82 -7.30 -1.14
C LEU A 198 16.43 -8.68 -0.59
N ILE A 199 15.17 -9.07 -0.75
CA ILE A 199 14.69 -10.29 -0.11
C ILE A 199 15.22 -11.53 -0.83
N THR A 200 15.12 -11.57 -2.15
CA THR A 200 15.42 -12.78 -2.93
C THR A 200 16.79 -12.77 -3.56
N GLY A 201 17.47 -11.63 -3.60
CA GLY A 201 18.75 -11.54 -4.28
C GLY A 201 18.66 -11.43 -5.79
N ALA A 202 17.45 -11.40 -6.36
CA ALA A 202 17.30 -11.30 -7.80
C ALA A 202 18.00 -10.05 -8.31
N GLN A 203 18.71 -10.19 -9.43
CA GLN A 203 19.50 -9.10 -9.97
C GLN A 203 18.83 -8.38 -11.14
N THR A 204 17.79 -8.96 -11.73
CA THR A 204 17.16 -8.40 -12.92
C THR A 204 15.64 -8.43 -12.77
N TYR A 205 14.97 -7.47 -13.41
CA TYR A 205 13.51 -7.47 -13.41
C TYR A 205 12.97 -8.76 -14.02
N ASP A 206 13.66 -9.30 -15.02
CA ASP A 206 13.16 -10.52 -15.67
C ASP A 206 13.31 -11.74 -14.77
N GLN A 207 14.32 -11.79 -13.90
CA GLN A 207 14.35 -12.87 -12.94
C GLN A 207 13.21 -12.76 -11.95
N MET A 208 12.90 -11.52 -11.52
CA MET A 208 11.80 -11.34 -10.57
C MET A 208 10.48 -11.73 -11.20
N LEU A 209 10.27 -11.35 -12.45
CA LEU A 209 8.99 -11.62 -13.10
C LEU A 209 8.85 -13.09 -13.47
N ASP A 210 9.96 -13.74 -13.86
CA ASP A 210 9.93 -15.18 -14.09
C ASP A 210 9.56 -15.93 -12.83
N TRP A 211 10.15 -15.54 -11.69
CA TRP A 211 9.78 -16.17 -10.41
C TRP A 211 8.33 -15.89 -10.06
N ALA A 212 7.90 -14.63 -10.20
CA ALA A 212 6.51 -14.30 -9.90
C ALA A 212 5.55 -15.14 -10.73
N GLN A 213 5.88 -15.37 -12.00
CA GLN A 213 4.98 -16.12 -12.87
C GLN A 213 4.74 -17.53 -12.34
N GLU A 214 5.77 -18.19 -11.82
CA GLU A 214 5.62 -19.56 -11.34
C GLU A 214 5.16 -19.64 -9.89
N GLY A 215 5.32 -18.57 -9.12
CA GLY A 215 5.11 -18.63 -7.69
C GLY A 215 3.67 -18.87 -7.27
N ASP A 216 3.52 -19.19 -5.99
CA ASP A 216 2.22 -19.38 -5.35
C ASP A 216 2.21 -18.48 -4.12
N ASN A 217 1.50 -17.33 -4.22
CA ASN A 217 1.54 -16.37 -3.13
C ASN A 217 0.91 -16.92 -1.85
N SER A 218 0.15 -18.01 -1.94
CA SER A 218 -0.58 -18.47 -0.75
C SER A 218 0.37 -18.97 0.35
N SER A 219 1.63 -19.25 0.03
CA SER A 219 2.54 -19.69 1.09
C SER A 219 2.96 -18.54 1.99
N VAL A 220 2.87 -17.29 1.53
CA VAL A 220 3.25 -16.16 2.37
C VAL A 220 2.10 -15.19 2.61
N ASP A 221 1.03 -15.24 1.84
CA ASP A 221 -0.11 -14.35 2.04
C ASP A 221 -1.18 -15.02 2.89
N MET A 222 -1.86 -14.21 3.72
CA MET A 222 -3.08 -14.66 4.37
CA MET A 222 -3.08 -14.68 4.37
C MET A 222 -4.24 -14.49 3.40
N LEU A 223 -4.88 -15.59 3.03
CA LEU A 223 -6.04 -15.53 2.16
C LEU A 223 -7.31 -15.53 3.00
N VAL A 224 -8.41 -15.14 2.38
CA VAL A 224 -9.70 -15.16 3.06
C VAL A 224 -9.95 -16.52 3.70
N GLY A 225 -9.56 -17.60 3.03
CA GLY A 225 -9.77 -18.93 3.59
C GLY A 225 -8.94 -19.17 4.84
N ASP A 226 -7.74 -18.58 4.90
CA ASP A 226 -6.85 -18.78 6.04
C ASP A 226 -7.38 -18.11 7.30
N ILE A 227 -8.11 -17.01 7.15
CA ILE A 227 -8.71 -16.34 8.30
C ILE A 227 -9.97 -17.07 8.75
N TYR A 228 -10.91 -17.24 7.84
CA TYR A 228 -12.23 -17.77 8.17
C TYR A 228 -12.26 -19.29 8.21
N GLY A 229 -11.16 -19.96 7.90
CA GLY A 229 -11.13 -21.41 7.86
C GLY A 229 -11.79 -21.94 6.61
N THR A 230 -11.58 -23.24 6.36
CA THR A 230 -12.15 -23.91 5.20
C THR A 230 -13.68 -23.93 5.26
N LYS A 238 -14.57 -14.75 -2.41
CA LYS A 238 -13.72 -15.66 -3.16
C LYS A 238 -12.62 -16.21 -2.26
N SER A 239 -12.45 -17.54 -2.28
CA SER A 239 -11.53 -18.18 -1.35
C SER A 239 -10.10 -17.70 -1.56
N SER A 240 -9.71 -17.47 -2.83
CA SER A 240 -8.36 -17.08 -3.19
C SER A 240 -8.09 -15.59 -3.00
N ALA A 241 -9.05 -14.82 -2.51
CA ALA A 241 -8.82 -13.39 -2.30
C ALA A 241 -7.80 -13.20 -1.19
N ILE A 242 -6.93 -12.21 -1.37
CA ILE A 242 -5.86 -11.94 -0.41
C ILE A 242 -6.39 -11.05 0.71
N ALA A 243 -6.29 -11.52 1.95
CA ALA A 243 -6.66 -10.71 3.10
C ALA A 243 -5.49 -9.88 3.62
N SER A 244 -4.27 -10.43 3.58
CA SER A 244 -3.10 -9.73 4.10
C SER A 244 -1.88 -10.19 3.31
N SER A 245 -1.33 -9.31 2.50
CA SER A 245 -0.16 -9.65 1.71
C SER A 245 1.02 -9.83 2.65
N PHE A 246 1.75 -10.94 2.51
CA PHE A 246 2.88 -11.26 3.38
C PHE A 246 2.46 -11.54 4.81
N GLY A 247 1.15 -11.70 5.06
CA GLY A 247 0.66 -11.83 6.41
C GLY A 247 1.01 -13.13 7.10
N LYS A 248 1.45 -14.15 6.35
CA LYS A 248 1.84 -15.41 6.96
CA LYS A 248 1.84 -15.41 6.96
C LYS A 248 3.28 -15.43 7.44
N VAL A 249 4.09 -14.44 7.05
CA VAL A 249 5.52 -14.51 7.29
C VAL A 249 5.85 -14.25 8.76
N PHE A 250 5.29 -13.19 9.33
CA PHE A 250 5.58 -12.89 10.74
C PHE A 250 5.06 -13.97 11.69
N GLN A 251 4.14 -14.81 11.23
CA GLN A 251 3.62 -15.90 12.06
C GLN A 251 4.66 -16.98 12.28
N LEU A 267 17.19 -9.60 30.02
CA LEU A 267 18.35 -8.93 30.58
C LEU A 267 19.63 -9.36 29.85
N TYR A 268 19.90 -10.66 29.84
CA TYR A 268 21.03 -11.21 29.12
C TYR A 268 20.73 -12.66 28.76
N SER A 269 21.61 -13.26 27.95
CA SER A 269 21.34 -14.58 27.38
C SER A 269 21.33 -15.63 28.48
N SER A 270 20.33 -16.52 28.43
CA SER A 270 20.20 -17.56 29.45
C SER A 270 19.50 -18.81 28.90
N HIS A 271 18.88 -18.70 27.72
CA HIS A 271 18.23 -19.83 27.08
C HIS A 271 18.68 -19.94 25.63
N GLU A 272 18.08 -20.89 24.91
CA GLU A 272 18.51 -21.21 23.55
C GLU A 272 18.41 -20.00 22.63
N SER A 273 19.32 -19.95 21.66
CA SER A 273 19.39 -18.81 20.76
C SER A 273 18.11 -18.66 19.95
N ILE A 274 17.72 -17.41 19.70
CA ILE A 274 16.55 -17.15 18.89
C ILE A 274 16.88 -17.37 17.42
N GLU A 275 17.22 -18.61 17.08
CA GLU A 275 17.53 -19.00 15.70
C GLU A 275 16.43 -19.83 15.05
N LYS A 276 15.44 -20.29 15.81
CA LYS A 276 14.33 -21.04 15.23
C LYS A 276 13.55 -20.19 14.24
N ASN A 277 13.18 -18.97 14.65
CA ASN A 277 12.43 -18.09 13.77
C ASN A 277 13.35 -17.41 12.74
N ASN A 278 14.57 -17.07 13.14
CA ASN A 278 15.54 -16.50 12.21
C ASN A 278 15.93 -17.47 11.09
N GLY A 279 15.57 -18.76 11.23
CA GLY A 279 15.90 -19.77 10.25
C GLY A 279 14.73 -20.20 9.38
N GLN A 280 13.53 -19.72 9.67
CA GLN A 280 12.39 -20.03 8.83
C GLN A 280 12.63 -19.55 7.40
N MET A 281 12.33 -20.42 6.42
CA MET A 281 12.62 -20.19 5.02
C MET A 281 11.34 -19.99 4.21
N PHE A 282 11.43 -19.16 3.17
CA PHE A 282 10.30 -18.84 2.32
C PHE A 282 10.73 -18.91 0.85
N LYS A 283 9.82 -19.38 -0.01
CA LYS A 283 10.17 -19.59 -1.42
C LYS A 283 10.25 -18.27 -2.17
N ASN A 284 11.35 -18.08 -2.88
CA ASN A 284 11.51 -16.90 -3.73
C ASN A 284 10.40 -16.73 -4.76
N PRO A 285 9.98 -17.76 -5.51
CA PRO A 285 8.88 -17.52 -6.46
C PRO A 285 7.60 -17.07 -5.78
N ASP A 286 7.30 -17.60 -4.60
CA ASP A 286 6.08 -17.22 -3.88
C ASP A 286 6.17 -15.79 -3.36
N ILE A 287 7.35 -15.39 -2.89
CA ILE A 287 7.58 -14.02 -2.47
C ILE A 287 7.39 -13.06 -3.63
N CYS A 288 7.94 -13.40 -4.80
CA CYS A 288 7.82 -12.51 -5.95
C CYS A 288 6.37 -12.35 -6.39
N LYS A 289 5.63 -13.45 -6.45
CA LYS A 289 4.21 -13.36 -6.80
C LYS A 289 3.44 -12.56 -5.76
N SER A 290 3.69 -12.82 -4.47
CA SER A 290 3.01 -12.04 -3.42
C SER A 290 3.25 -10.54 -3.56
N LEU A 291 4.52 -10.12 -3.71
CA LEU A 291 4.74 -8.68 -3.72
C LEU A 291 4.35 -8.05 -5.05
N LEU A 292 4.49 -8.77 -6.16
CA LEU A 292 3.92 -8.27 -7.42
C LEU A 292 2.41 -8.04 -7.28
N PHE A 293 1.70 -9.00 -6.70
CA PHE A 293 0.27 -8.80 -6.44
C PHE A 293 0.05 -7.63 -5.49
N ALA A 294 0.78 -7.59 -4.39
CA ALA A 294 0.55 -6.51 -3.43
C ALA A 294 0.70 -5.13 -4.07
N ILE A 295 1.82 -4.91 -4.77
CA ILE A 295 2.07 -3.59 -5.33
C ILE A 295 1.09 -3.28 -6.46
N SER A 296 0.86 -4.24 -7.36
CA SER A 296 -0.02 -4.00 -8.49
C SER A 296 -1.48 -3.83 -8.05
N ASN A 297 -1.97 -4.69 -7.15
CA ASN A 297 -3.35 -4.55 -6.67
C ASN A 297 -3.54 -3.20 -5.97
N ASN A 298 -2.53 -2.74 -5.27
CA ASN A 298 -2.64 -1.46 -4.58
C ASN A 298 -2.69 -0.30 -5.58
N ILE A 299 -1.82 -0.35 -6.60
CA ILE A 299 -1.86 0.67 -7.65
C ILE A 299 -3.22 0.66 -8.32
N GLY A 300 -3.70 -0.54 -8.68
CA GLY A 300 -5.01 -0.66 -9.31
C GLY A 300 -6.14 -0.11 -8.46
N GLN A 301 -6.10 -0.38 -7.16
CA GLN A 301 -7.13 0.19 -6.28
C GLN A 301 -7.06 1.71 -6.23
N ILE A 302 -5.86 2.27 -6.01
CA ILE A 302 -5.72 3.73 -5.99
CA ILE A 302 -5.77 3.72 -5.97
C ILE A 302 -6.20 4.33 -7.30
N ALA A 303 -5.81 3.70 -8.41
CA ALA A 303 -6.24 4.18 -9.73
C ALA A 303 -7.74 4.12 -9.86
N TYR A 304 -8.35 3.03 -9.38
CA TYR A 304 -9.80 2.92 -9.44
C TYR A 304 -10.46 4.03 -8.62
N LEU A 305 -9.98 4.24 -7.40
CA LEU A 305 -10.61 5.22 -6.53
C LEU A 305 -10.48 6.63 -7.11
N GLN A 306 -9.33 6.95 -7.71
CA GLN A 306 -9.20 8.25 -8.35
C GLN A 306 -10.12 8.37 -9.57
N ALA A 307 -10.25 7.29 -10.35
CA ALA A 307 -11.18 7.35 -11.48
C ALA A 307 -12.62 7.50 -11.01
N LYS A 308 -12.94 6.89 -9.86
CA LYS A 308 -14.28 7.01 -9.30
C LYS A 308 -14.56 8.44 -8.85
N ILE A 309 -13.61 9.05 -8.13
CA ILE A 309 -13.73 10.44 -7.69
C ILE A 309 -13.91 11.39 -8.88
N ASN A 310 -13.21 11.11 -9.97
CA ASN A 310 -13.19 12.04 -11.09
C ASN A 310 -14.12 11.64 -12.22
N ASN A 311 -14.96 10.63 -12.01
CA ASN A 311 -15.94 10.18 -13.01
C ASN A 311 -15.27 9.82 -14.34
N ILE A 312 -14.25 8.97 -14.27
CA ILE A 312 -13.47 8.59 -15.43
C ILE A 312 -13.58 7.08 -15.62
N GLN A 313 -13.75 6.65 -16.87
CA GLN A 313 -13.88 5.24 -17.19
C GLN A 313 -12.61 4.62 -17.78
N ASN A 314 -11.75 5.43 -18.39
CA ASN A 314 -10.58 4.95 -19.13
C ASN A 314 -9.33 5.22 -18.31
N ILE A 315 -8.55 4.16 -18.06
CA ILE A 315 -7.36 4.26 -17.24
C ILE A 315 -6.21 3.69 -18.04
N TYR A 316 -5.25 4.54 -18.42
CA TYR A 316 -4.04 4.10 -19.10
C TYR A 316 -2.94 3.88 -18.08
N PHE A 317 -2.19 2.78 -18.24
CA PHE A 317 -1.02 2.52 -17.42
C PHE A 317 0.22 2.78 -18.25
N GLY A 318 1.10 3.66 -17.76
CA GLY A 318 2.34 3.99 -18.40
C GLY A 318 3.51 3.78 -17.48
N GLY A 319 4.70 4.05 -18.01
CA GLY A 319 5.93 3.82 -17.29
C GLY A 319 6.51 2.47 -17.64
N SER A 320 7.61 2.13 -16.97
CA SER A 320 8.34 0.91 -17.30
C SER A 320 7.94 -0.27 -16.43
N TYR A 321 6.76 -0.23 -15.82
CA TYR A 321 6.41 -1.19 -14.79
C TYR A 321 5.92 -2.51 -15.38
N THR A 322 4.98 -2.49 -16.34
CA THR A 322 4.40 -3.74 -16.80
C THR A 322 5.38 -4.54 -17.66
N ARG A 323 6.22 -3.86 -18.44
CA ARG A 323 7.18 -4.50 -19.34
C ARG A 323 6.52 -5.47 -20.31
N GLY A 324 5.22 -5.32 -20.57
CA GLY A 324 4.55 -6.28 -21.42
C GLY A 324 4.34 -7.63 -20.79
N HIS A 325 4.58 -7.76 -19.50
CA HIS A 325 4.46 -9.05 -18.81
C HIS A 325 3.00 -9.39 -18.59
N LEU A 326 2.60 -10.61 -18.97
CA LEU A 326 1.19 -10.97 -18.96
C LEU A 326 0.62 -11.03 -17.54
N THR A 327 1.42 -11.51 -16.58
CA THR A 327 0.93 -11.58 -15.19
C THR A 327 0.70 -10.19 -14.63
N THR A 328 1.67 -9.29 -14.80
CA THR A 328 1.51 -7.92 -14.30
C THR A 328 0.31 -7.25 -14.94
N MET A 329 0.17 -7.38 -16.26
CA MET A 329 -0.96 -6.73 -16.94
C MET A 329 -2.28 -7.34 -16.51
N ASN A 330 -2.35 -8.66 -16.40
CA ASN A 330 -3.60 -9.24 -15.93
C ASN A 330 -3.94 -8.73 -14.54
N THR A 331 -2.94 -8.55 -13.69
CA THR A 331 -3.23 -8.15 -12.32
C THR A 331 -3.79 -6.74 -12.29
N LEU A 332 -3.17 -5.82 -13.04
CA LEU A 332 -3.65 -4.45 -13.05
C LEU A 332 -5.02 -4.34 -13.72
N SER A 333 -5.23 -5.08 -14.81
CA SER A 333 -6.52 -5.06 -15.49
CA SER A 333 -6.53 -5.06 -15.48
C SER A 333 -7.61 -5.70 -14.62
N TYR A 334 -7.28 -6.79 -13.94
CA TYR A 334 -8.29 -7.42 -13.09
C TYR A 334 -8.68 -6.50 -11.93
N ALA A 335 -7.71 -5.79 -11.37
CA ALA A 335 -8.00 -4.88 -10.27
C ALA A 335 -9.02 -3.83 -10.68
N ILE A 336 -8.83 -3.22 -11.86
CA ILE A 336 -9.77 -2.21 -12.34
C ILE A 336 -11.13 -2.84 -12.62
N ASN A 337 -11.13 -4.01 -13.25
CA ASN A 337 -12.37 -4.71 -13.54
C ASN A 337 -13.09 -5.12 -12.26
N PHE A 338 -12.33 -5.62 -11.28
CA PHE A 338 -12.91 -6.11 -10.03
C PHE A 338 -13.63 -4.99 -9.28
N TRP A 339 -12.96 -3.86 -9.10
CA TRP A 339 -13.53 -2.79 -8.28
C TRP A 339 -14.69 -2.09 -8.97
N SER A 340 -14.69 -2.05 -10.30
CA SER A 340 -15.70 -1.36 -11.07
C SER A 340 -16.77 -2.30 -11.62
N GLN A 341 -16.71 -3.59 -11.27
CA GLN A 341 -17.51 -4.63 -11.91
C GLN A 341 -17.57 -4.44 -13.41
N GLY A 342 -16.42 -4.13 -14.01
CA GLY A 342 -16.31 -3.99 -15.45
C GLY A 342 -16.76 -2.67 -16.04
N SER A 343 -17.13 -1.69 -15.23
CA SER A 343 -17.56 -0.39 -15.77
C SER A 343 -16.40 0.55 -16.07
N LYS A 344 -15.18 0.19 -15.68
CA LYS A 344 -13.99 0.94 -16.07
C LYS A 344 -13.02 -0.03 -16.71
N GLN A 345 -12.05 0.52 -17.46
CA GLN A 345 -11.23 -0.30 -18.34
C GLN A 345 -9.77 0.11 -18.22
N ALA A 346 -8.89 -0.87 -18.01
CA ALA A 346 -7.45 -0.63 -18.04
C ALA A 346 -6.93 -0.73 -19.47
N PHE A 347 -6.03 0.18 -19.83
CA PHE A 347 -5.39 0.18 -21.16
C PHE A 347 -3.89 0.20 -20.97
N PHE A 348 -3.20 -0.51 -21.85
CA PHE A 348 -1.75 -0.60 -21.84
C PHE A 348 -1.20 -0.06 -23.16
N LEU A 349 0.10 0.20 -23.14
CA LEU A 349 0.76 0.90 -24.23
C LEU A 349 2.02 0.14 -24.64
N LYS A 350 2.17 -0.10 -25.95
CA LYS A 350 3.36 -0.79 -26.44
C LYS A 350 4.64 0.00 -26.14
N HIS A 351 4.55 1.33 -26.07
CA HIS A 351 5.69 2.18 -25.74
C HIS A 351 5.48 2.89 -24.40
N GLU A 352 4.96 2.13 -23.42
CA GLU A 352 4.58 2.68 -22.13
C GLU A 352 5.70 3.47 -21.46
N GLY A 353 6.95 3.05 -21.64
CA GLY A 353 8.03 3.71 -20.93
C GLY A 353 8.50 5.02 -21.54
N TYR A 354 8.02 5.33 -22.74
CA TYR A 354 8.53 6.46 -23.50
C TYR A 354 7.53 7.60 -23.65
N LEU A 355 6.45 7.61 -22.87
CA LEU A 355 5.44 8.65 -23.02
C LEU A 355 6.05 10.04 -22.82
N GLY A 356 6.85 10.20 -21.77
CA GLY A 356 7.39 11.51 -21.47
C GLY A 356 8.42 11.94 -22.50
N ALA A 357 9.35 11.05 -22.84
CA ALA A 357 10.36 11.41 -23.83
C ALA A 357 9.73 11.69 -25.19
N MET A 358 8.66 10.98 -25.53
CA MET A 358 7.98 11.25 -26.79
CA MET A 358 7.96 11.23 -26.78
C MET A 358 7.34 12.62 -26.79
N GLY A 359 6.71 13.02 -25.69
CA GLY A 359 6.15 14.37 -25.62
C GLY A 359 7.22 15.43 -25.74
N ALA A 360 8.36 15.21 -25.08
CA ALA A 360 9.47 16.14 -25.15
C ALA A 360 10.04 16.23 -26.57
N PHE A 361 10.16 15.08 -27.23
CA PHE A 361 10.62 15.06 -28.61
C PHE A 361 9.72 15.92 -29.50
N LEU A 362 8.41 15.78 -29.33
CA LEU A 362 7.46 16.55 -30.13
C LEU A 362 7.56 18.05 -29.83
N SER A 363 7.87 18.42 -28.60
CA SER A 363 7.95 19.84 -28.27
C SER A 363 9.08 20.55 -29.00
N ALA A 364 10.08 19.81 -29.47
CA ALA A 364 11.20 20.45 -30.16
C ALA A 364 10.79 20.93 -31.56
N SER A 365 9.94 20.18 -32.24
CA SER A 365 9.60 20.51 -33.61
C SER A 365 8.20 20.06 -33.97
N GLN B 14 -6.48 -2.47 31.32
CA GLN B 14 -6.82 -1.08 31.02
C GLN B 14 -8.29 -0.81 31.27
N GLU B 15 -8.74 -1.11 32.49
CA GLU B 15 -10.16 -1.29 32.71
C GLU B 15 -10.90 0.05 32.69
N ILE B 16 -12.23 -0.08 32.52
CA ILE B 16 -13.14 1.04 32.40
C ILE B 16 -14.27 0.85 33.40
N SER B 17 -14.63 1.92 34.10
CA SER B 17 -15.82 1.91 34.95
C SER B 17 -17.05 2.12 34.09
N TYR B 18 -18.07 1.28 34.28
CA TYR B 18 -19.33 1.45 33.58
C TYR B 18 -20.42 0.68 34.31
N ASN B 19 -21.51 1.35 34.64
CA ASN B 19 -22.60 0.72 35.38
C ASN B 19 -23.37 -0.21 34.45
N CYS B 20 -23.10 -1.51 34.58
CA CYS B 20 -23.79 -2.51 33.79
C CYS B 20 -25.00 -3.05 34.54
N ASP B 21 -26.02 -3.42 33.78
CA ASP B 21 -27.08 -4.30 34.28
C ASP B 21 -26.64 -5.73 34.01
N TYR B 22 -26.50 -6.52 35.06
CA TYR B 22 -25.95 -7.87 34.93
C TYR B 22 -27.02 -8.93 34.71
N GLY B 23 -28.29 -8.52 34.62
CA GLY B 23 -29.34 -9.41 34.17
C GLY B 23 -29.47 -10.64 35.05
N ASP B 24 -29.42 -11.82 34.41
CA ASP B 24 -29.52 -13.09 35.11
C ASP B 24 -28.18 -13.57 35.66
N ASN B 25 -27.17 -12.69 35.64
CA ASN B 25 -25.84 -12.92 36.19
C ASN B 25 -24.99 -13.86 35.33
N THR B 26 -25.40 -14.09 34.09
CA THR B 26 -24.53 -14.72 33.11
C THR B 26 -23.23 -13.92 32.98
N PHE B 27 -22.11 -14.63 33.04
CA PHE B 27 -20.80 -14.01 32.91
C PHE B 27 -20.44 -14.06 31.42
N ASN B 28 -20.51 -12.91 30.75
CA ASN B 28 -20.27 -12.86 29.32
C ASN B 28 -18.81 -12.61 29.01
N LEU B 29 -18.22 -13.47 28.19
CA LEU B 29 -16.80 -13.42 27.87
C LEU B 29 -16.70 -13.28 26.36
N ALA B 30 -16.36 -12.08 25.90
CA ALA B 30 -16.38 -11.75 24.48
C ALA B 30 -14.97 -11.83 23.91
N ILE B 31 -14.83 -12.50 22.78
CA ILE B 31 -13.52 -12.69 22.16
C ILE B 31 -13.57 -12.31 20.71
N ASP B 32 -12.68 -11.41 20.32
CA ASP B 32 -12.49 -11.02 18.93
C ASP B 32 -11.23 -11.69 18.45
N ILE B 33 -11.37 -12.61 17.50
CA ILE B 33 -10.26 -13.44 17.06
C ILE B 33 -9.91 -13.00 15.65
N GLY B 34 -8.74 -12.40 15.49
CA GLY B 34 -8.28 -11.94 14.19
C GLY B 34 -7.35 -12.91 13.52
N GLY B 35 -6.48 -12.39 12.66
CA GLY B 35 -5.52 -13.23 12.00
C GLY B 35 -4.40 -13.70 12.92
N THR B 36 -4.02 -12.87 13.88
CA THR B 36 -2.92 -13.21 14.79
C THR B 36 -3.20 -12.90 16.26
N LEU B 37 -4.19 -12.07 16.57
CA LEU B 37 -4.45 -11.70 17.96
C LEU B 37 -5.89 -12.02 18.34
N ALA B 38 -6.07 -12.32 19.63
CA ALA B 38 -7.39 -12.48 20.23
C ALA B 38 -7.56 -11.39 21.27
N LYS B 39 -8.67 -10.68 21.19
CA LYS B 39 -8.97 -9.58 22.10
C LYS B 39 -10.18 -9.95 22.93
N VAL B 40 -10.06 -9.83 24.26
CA VAL B 40 -11.07 -10.34 25.19
C VAL B 40 -11.62 -9.18 26.01
N VAL B 41 -12.94 -9.15 26.16
CA VAL B 41 -13.64 -8.17 27.00
C VAL B 41 -14.59 -8.94 27.91
N PHE B 42 -14.62 -8.59 29.18
CA PHE B 42 -15.55 -9.22 30.12
C PHE B 42 -15.79 -8.25 31.28
N SER B 43 -16.79 -8.58 32.10
CA SER B 43 -17.05 -7.82 33.32
C SER B 43 -17.48 -8.75 34.45
N PRO B 44 -16.70 -8.82 35.53
CA PRO B 44 -17.12 -9.65 36.66
C PRO B 44 -18.47 -9.19 37.18
N ILE B 45 -19.27 -10.16 37.64
CA ILE B 45 -20.64 -9.84 38.02
C ILE B 45 -20.66 -8.80 39.12
N HIS B 46 -21.47 -7.76 38.94
CA HIS B 46 -21.69 -6.67 39.88
C HIS B 46 -20.45 -5.79 40.06
N SER B 47 -19.44 -5.90 39.20
CA SER B 47 -18.23 -5.11 39.39
C SER B 47 -18.34 -3.71 38.84
N ASN B 48 -19.17 -3.51 37.81
CA ASN B 48 -19.22 -2.26 37.04
C ASN B 48 -17.83 -1.90 36.50
N ARG B 49 -17.07 -2.91 36.10
CA ARG B 49 -15.76 -2.71 35.49
C ARG B 49 -15.68 -3.53 34.22
N LEU B 50 -15.29 -2.87 33.12
CA LEU B 50 -14.95 -3.54 31.88
C LEU B 50 -13.46 -3.85 31.87
N MET B 51 -13.11 -5.10 31.60
CA MET B 51 -11.72 -5.50 31.60
C MET B 51 -11.32 -6.04 30.23
N PHE B 52 -10.05 -5.81 29.88
CA PHE B 52 -9.55 -5.99 28.51
C PHE B 52 -8.24 -6.75 28.57
N TYR B 53 -8.09 -7.76 27.71
CA TYR B 53 -6.84 -8.49 27.59
CA TYR B 53 -6.81 -8.43 27.57
C TYR B 53 -6.65 -8.87 26.12
N THR B 54 -5.39 -8.90 25.69
CA THR B 54 -5.06 -9.35 24.34
C THR B 54 -4.02 -10.46 24.42
N ILE B 55 -4.13 -11.45 23.53
CA ILE B 55 -3.16 -12.55 23.51
C ILE B 55 -3.04 -13.05 22.08
N GLU B 56 -1.86 -13.56 21.75
CA GLU B 56 -1.67 -14.12 20.42
C GLU B 56 -2.39 -15.45 20.35
N THR B 57 -2.87 -15.78 19.17
CA THR B 57 -3.57 -17.04 18.95
C THR B 57 -2.62 -18.14 18.50
N GLU B 58 -1.34 -17.82 18.32
CA GLU B 58 -0.39 -18.78 17.76
C GLU B 58 -0.31 -20.02 18.63
N LYS B 59 -0.10 -19.85 19.93
CA LYS B 59 -0.03 -20.98 20.84
C LYS B 59 -1.41 -21.19 21.44
N ILE B 60 -2.09 -22.23 20.96
CA ILE B 60 -3.48 -22.46 21.35
C ILE B 60 -3.60 -22.70 22.85
N ASP B 61 -2.67 -23.48 23.42
CA ASP B 61 -2.82 -23.78 24.84
C ASP B 61 -2.75 -22.52 25.70
N LYS B 62 -1.89 -21.56 25.33
CA LYS B 62 -1.80 -20.32 26.10
C LYS B 62 -3.06 -19.47 25.91
N PHE B 63 -3.62 -19.45 24.71
CA PHE B 63 -4.84 -18.71 24.47
C PHE B 63 -5.98 -19.28 25.30
N MET B 64 -6.21 -20.60 25.22
CA MET B 64 -7.25 -21.22 26.03
C MET B 64 -6.98 -21.05 27.51
N GLU B 65 -5.72 -21.13 27.91
CA GLU B 65 -5.40 -21.03 29.34
C GLU B 65 -5.80 -19.67 29.88
N LEU B 66 -5.65 -18.62 29.07
CA LEU B 66 -6.07 -17.29 29.52
C LEU B 66 -7.57 -17.26 29.79
N LEU B 67 -8.37 -17.86 28.91
CA LEU B 67 -9.82 -17.83 29.11
C LEU B 67 -10.22 -18.62 30.34
N HIS B 68 -9.57 -19.76 30.59
CA HIS B 68 -9.81 -20.48 31.84
C HIS B 68 -9.43 -19.63 33.04
N SER B 69 -8.30 -18.93 32.96
CA SER B 69 -7.84 -18.12 34.09
C SER B 69 -8.83 -17.00 34.39
N ILE B 70 -9.43 -16.43 33.35
CA ILE B 70 -10.42 -15.38 33.53
C ILE B 70 -11.64 -15.92 34.26
N ILE B 71 -12.13 -17.08 33.83
CA ILE B 71 -13.29 -17.70 34.47
C ILE B 71 -12.97 -18.06 35.92
N LYS B 72 -11.80 -18.66 36.15
CA LYS B 72 -11.45 -19.09 37.49
C LYS B 72 -11.26 -17.90 38.42
N GLU B 73 -10.56 -16.86 37.96
CA GLU B 73 -10.22 -15.73 38.81
C GLU B 73 -11.33 -14.67 38.91
N HIS B 74 -12.14 -14.49 37.89
CA HIS B 74 -13.11 -13.40 37.84
C HIS B 74 -14.56 -13.85 37.81
N ASN B 75 -14.84 -15.15 37.69
CA ASN B 75 -16.20 -15.66 37.85
C ASN B 75 -16.22 -16.87 38.76
N ASN B 76 -15.29 -16.92 39.72
CA ASN B 76 -15.26 -17.94 40.76
C ASN B 76 -15.26 -19.36 40.18
N GLY B 77 -14.73 -19.52 38.97
CA GLY B 77 -14.68 -20.84 38.35
C GLY B 77 -16.01 -21.37 37.89
N CYS B 78 -16.99 -20.49 37.68
CA CYS B 78 -18.36 -20.93 37.34
C CYS B 78 -18.52 -20.99 35.83
N TYR B 79 -18.06 -22.10 35.27
CA TYR B 79 -18.24 -22.35 33.84
C TYR B 79 -19.72 -22.44 33.47
N ARG B 80 -20.55 -23.01 34.36
CA ARG B 80 -21.95 -23.25 34.04
C ARG B 80 -22.73 -21.96 33.78
N MET B 81 -22.26 -20.82 34.27
CA MET B 81 -22.91 -19.54 34.02
C MET B 81 -22.09 -18.62 33.10
N THR B 82 -21.05 -19.13 32.44
CA THR B 82 -20.26 -18.33 31.51
C THR B 82 -20.76 -18.54 30.10
N HIS B 83 -20.94 -17.45 29.37
CA HIS B 83 -21.27 -17.50 27.96
C HIS B 83 -20.13 -16.86 27.18
N ILE B 84 -19.56 -17.61 26.24
CA ILE B 84 -18.53 -17.06 25.36
C ILE B 84 -19.19 -16.58 24.07
N ILE B 85 -18.91 -15.36 23.66
CA ILE B 85 -19.36 -14.87 22.36
C ILE B 85 -18.13 -14.52 21.56
N ALA B 86 -18.01 -15.11 20.38
CA ALA B 86 -16.82 -14.97 19.55
C ALA B 86 -17.16 -14.14 18.33
N THR B 87 -16.24 -13.25 17.96
CA THR B 87 -16.42 -12.45 16.76
C THR B 87 -15.06 -12.38 16.05
N GLY B 88 -15.02 -11.63 14.97
CA GLY B 88 -13.84 -11.58 14.13
C GLY B 88 -13.77 -12.75 13.18
N GLY B 89 -12.90 -12.63 12.18
CA GLY B 89 -12.73 -13.69 11.20
C GLY B 89 -12.54 -15.06 11.84
N GLY B 90 -11.76 -15.12 12.92
CA GLY B 90 -11.45 -16.38 13.59
C GLY B 90 -12.60 -17.02 14.32
N ALA B 91 -13.73 -16.32 14.48
CA ALA B 91 -14.87 -16.90 15.18
C ALA B 91 -15.36 -18.18 14.52
N PHE B 92 -15.17 -18.30 13.21
CA PHE B 92 -15.51 -19.54 12.51
C PHE B 92 -14.41 -20.58 12.70
N LYS B 93 -13.16 -20.17 12.51
CA LYS B 93 -12.06 -21.12 12.48
C LYS B 93 -11.82 -21.77 13.84
N PHE B 94 -12.09 -21.04 14.93
CA PHE B 94 -11.82 -21.50 16.30
C PHE B 94 -13.06 -22.01 17.03
N TYR B 95 -14.22 -22.08 16.37
CA TYR B 95 -15.44 -22.45 17.08
C TYR B 95 -15.35 -23.85 17.67
N ASP B 96 -14.89 -24.82 16.88
CA ASP B 96 -14.73 -26.18 17.38
C ASP B 96 -13.70 -26.25 18.50
N LEU B 97 -12.63 -25.45 18.41
CA LEU B 97 -11.63 -25.40 19.47
C LEU B 97 -12.25 -24.92 20.78
N LEU B 98 -13.07 -23.87 20.70
CA LEU B 98 -13.77 -23.37 21.89
C LEU B 98 -14.72 -24.41 22.45
N TYR B 99 -15.47 -25.07 21.58
CA TYR B 99 -16.36 -26.14 22.05
CA TYR B 99 -16.34 -26.16 22.01
C TYR B 99 -15.55 -27.27 22.71
N GLU B 100 -14.42 -27.64 22.13
CA GLU B 100 -13.61 -28.70 22.71
C GLU B 100 -13.03 -28.29 24.07
N ASN B 101 -12.66 -27.01 24.20
CA ASN B 101 -11.98 -26.56 25.40
C ASN B 101 -12.90 -26.16 26.52
N PHE B 102 -14.18 -25.92 26.26
CA PHE B 102 -15.12 -25.44 27.28
C PHE B 102 -16.38 -26.30 27.28
N PRO B 103 -16.26 -27.57 27.67
CA PRO B 103 -17.42 -28.46 27.63
C PRO B 103 -18.47 -28.15 28.68
N GLN B 104 -18.10 -27.53 29.81
CA GLN B 104 -19.05 -27.20 30.88
C GLN B 104 -19.74 -25.85 30.70
N ILE B 105 -19.58 -25.19 29.56
CA ILE B 105 -19.95 -23.79 29.44
C ILE B 105 -21.45 -23.64 29.23
N LYS B 106 -21.98 -22.47 29.61
CA LYS B 106 -23.40 -22.19 29.43
C LYS B 106 -23.76 -22.14 27.96
N GLY B 107 -22.93 -21.50 27.15
CA GLY B 107 -23.17 -21.43 25.72
C GLY B 107 -22.01 -20.77 25.02
N ILE B 108 -21.91 -21.01 23.72
CA ILE B 108 -20.98 -20.33 22.83
C ILE B 108 -21.79 -19.81 21.64
N SER B 109 -21.59 -18.54 21.30
CA SER B 109 -22.28 -17.94 20.17
C SER B 109 -21.27 -17.13 19.35
N ARG B 110 -21.73 -16.69 18.19
CA ARG B 110 -20.91 -15.88 17.29
C ARG B 110 -21.60 -14.55 17.07
N PHE B 111 -20.80 -13.50 16.87
CA PHE B 111 -21.35 -12.19 16.54
C PHE B 111 -20.68 -11.68 15.28
N GLU B 112 -21.50 -11.19 14.35
CA GLU B 112 -20.99 -10.76 13.05
C GLU B 112 -19.92 -9.70 13.20
N GLU B 113 -18.93 -9.76 12.33
CA GLU B 113 -17.71 -8.97 12.46
C GLU B 113 -17.98 -7.47 12.33
N MET B 114 -18.69 -7.08 11.27
CA MET B 114 -18.93 -5.65 11.05
CA MET B 114 -18.94 -5.66 11.04
C MET B 114 -19.81 -5.07 12.15
N GLU B 115 -20.92 -5.74 12.47
CA GLU B 115 -21.77 -5.30 13.56
C GLU B 115 -21.01 -5.19 14.87
N GLY B 116 -20.13 -6.15 15.16
CA GLY B 116 -19.35 -6.07 16.38
C GLY B 116 -18.51 -4.80 16.43
N LEU B 117 -17.83 -4.50 15.33
CA LEU B 117 -16.92 -3.35 15.29
C LEU B 117 -17.68 -2.05 15.48
N ILE B 118 -18.81 -1.88 14.79
CA ILE B 118 -19.51 -0.60 14.85
C ILE B 118 -20.25 -0.45 16.17
N HIS B 119 -20.85 -1.54 16.66
CA HIS B 119 -21.51 -1.45 17.95
C HIS B 119 -20.49 -1.10 19.03
N GLY B 120 -19.30 -1.69 18.94
CA GLY B 120 -18.29 -1.37 19.93
C GLY B 120 -17.76 0.05 19.80
N LEU B 121 -17.45 0.47 18.57
CA LEU B 121 -16.96 1.83 18.36
C LEU B 121 -17.99 2.86 18.82
N ASP B 122 -19.25 2.66 18.45
CA ASP B 122 -20.28 3.63 18.83
C ASP B 122 -20.42 3.70 20.35
N PHE B 123 -20.26 2.55 21.02
CA PHE B 123 -20.33 2.55 22.48
C PHE B 123 -19.21 3.39 23.07
N PHE B 124 -17.97 3.17 22.62
CA PHE B 124 -16.85 3.96 23.10
C PHE B 124 -17.04 5.45 22.81
N ILE B 125 -17.46 5.79 21.58
CA ILE B 125 -17.63 7.20 21.23
C ILE B 125 -18.62 7.88 22.16
N HIS B 126 -19.78 7.25 22.36
CA HIS B 126 -20.88 7.92 23.05
C HIS B 126 -20.88 7.75 24.57
N GLU B 127 -20.19 6.75 25.11
CA GLU B 127 -20.36 6.40 26.51
C GLU B 127 -19.11 6.56 27.36
N ILE B 128 -17.93 6.45 26.79
CA ILE B 128 -16.70 6.27 27.56
C ILE B 128 -15.89 7.56 27.46
N PRO B 129 -15.62 8.25 28.56
CA PRO B 129 -14.80 9.47 28.49
C PRO B 129 -13.34 9.13 28.27
N ASP B 130 -12.61 10.14 27.77
CA ASP B 130 -11.16 10.07 27.59
C ASP B 130 -10.74 8.93 26.66
N GLU B 131 -11.60 8.58 25.72
CA GLU B 131 -11.38 7.42 24.85
C GLU B 131 -10.96 7.79 23.45
N VAL B 132 -11.57 8.84 22.88
CA VAL B 132 -11.29 9.32 21.53
C VAL B 132 -10.29 10.47 21.63
N PHE B 133 -9.26 10.45 20.78
CA PHE B 133 -8.28 11.53 20.80
C PHE B 133 -7.66 11.73 19.43
N THR B 134 -7.16 12.94 19.21
CA THR B 134 -6.36 13.23 18.04
C THR B 134 -4.90 13.31 18.47
N TYR B 135 -3.99 13.09 17.51
CA TYR B 135 -2.58 13.26 17.81
C TYR B 135 -1.83 13.68 16.54
N ASN B 136 -0.94 14.65 16.70
CA ASN B 136 0.13 14.91 15.74
C ASN B 136 1.30 15.53 16.49
N ASP B 137 2.42 15.66 15.80
CA ASP B 137 3.64 16.10 16.46
C ASP B 137 3.54 17.55 16.93
N GLN B 138 2.84 18.40 16.18
CA GLN B 138 2.75 19.81 16.56
C GLN B 138 1.81 20.00 17.75
N ASP B 139 0.61 19.42 17.67
CA ASP B 139 -0.43 19.66 18.67
C ASP B 139 -0.36 18.72 19.86
N GLY B 140 0.30 17.58 19.72
CA GLY B 140 0.26 16.57 20.76
C GLY B 140 -1.08 15.87 20.78
N GLU B 141 -1.38 15.25 21.91
CA GLU B 141 -2.62 14.53 22.11
C GLU B 141 -3.72 15.48 22.56
N ARG B 142 -4.90 15.35 21.96
CA ARG B 142 -6.07 16.11 22.38
C ARG B 142 -7.25 15.16 22.52
N ILE B 143 -7.80 15.07 23.73
CA ILE B 143 -8.97 14.23 23.98
C ILE B 143 -10.20 14.92 23.41
N ILE B 144 -11.03 14.17 22.71
CA ILE B 144 -12.27 14.68 22.13
C ILE B 144 -13.42 14.25 23.02
N PRO B 145 -14.27 15.19 23.50
CA PRO B 145 -15.32 14.86 24.48
C PRO B 145 -16.59 14.25 23.87
N THR B 146 -16.43 13.21 23.07
CA THR B 146 -17.55 12.65 22.31
C THR B 146 -18.63 12.10 23.24
N SER B 147 -18.27 11.57 24.40
CA SER B 147 -19.24 10.98 25.31
C SER B 147 -19.99 12.03 26.12
N SER B 148 -19.55 13.28 26.10
CA SER B 148 -20.26 14.32 26.83
C SER B 148 -21.41 14.86 25.99
N GLY B 149 -22.21 15.73 26.61
CA GLY B 149 -23.31 16.33 25.89
C GLY B 149 -22.81 17.19 24.74
N THR B 150 -23.54 17.14 23.62
CA THR B 150 -23.21 17.89 22.42
C THR B 150 -21.78 17.61 21.95
N SER B 153 -24.96 14.86 17.31
CA SER B 153 -24.98 13.83 16.29
C SER B 153 -24.32 14.31 15.00
N LYS B 154 -24.56 15.59 14.66
CA LYS B 154 -23.99 16.16 13.45
C LYS B 154 -22.48 16.31 13.54
N ALA B 155 -21.91 16.27 14.74
CA ALA B 155 -20.46 16.24 14.91
C ALA B 155 -19.90 14.83 14.83
N ILE B 156 -20.71 13.82 15.16
CA ILE B 156 -20.23 12.44 15.25
C ILE B 156 -20.32 11.72 13.91
N TYR B 157 -21.52 11.71 13.31
CA TYR B 157 -21.78 11.05 12.04
C TYR B 157 -21.74 12.06 10.90
N PRO B 158 -21.39 11.61 9.67
CA PRO B 158 -20.99 10.22 9.38
C PRO B 158 -19.54 10.01 9.73
N TYR B 159 -19.04 8.78 9.78
CA TYR B 159 -17.63 8.58 9.95
C TYR B 159 -17.21 7.29 9.24
N LEU B 160 -15.91 7.12 9.16
CA LEU B 160 -15.29 5.95 8.58
C LEU B 160 -14.51 5.29 9.69
N LEU B 161 -14.59 3.97 9.76
CA LEU B 161 -13.70 3.20 10.64
C LEU B 161 -12.68 2.49 9.77
N VAL B 162 -11.41 2.73 10.02
CA VAL B 162 -10.33 2.04 9.33
C VAL B 162 -9.74 1.09 10.35
N ASN B 163 -10.08 -0.20 10.24
CA ASN B 163 -9.71 -1.20 11.23
C ASN B 163 -8.53 -1.99 10.69
N ILE B 164 -7.35 -1.77 11.27
CA ILE B 164 -6.11 -2.32 10.73
C ILE B 164 -5.71 -3.51 11.60
N GLY B 165 -5.67 -4.70 11.02
CA GLY B 165 -5.11 -5.86 11.67
C GLY B 165 -4.09 -6.50 10.75
N SER B 166 -4.31 -7.77 10.39
CA SER B 166 -3.48 -8.36 9.35
C SER B 166 -3.63 -7.59 8.05
N GLY B 167 -4.88 -7.37 7.63
CA GLY B 167 -5.21 -6.50 6.53
C GLY B 167 -5.88 -5.23 7.03
N VAL B 168 -6.58 -4.55 6.12
CA VAL B 168 -7.25 -3.29 6.43
C VAL B 168 -8.71 -3.41 6.01
N SER B 169 -9.63 -3.23 6.98
CA SER B 169 -11.06 -3.19 6.71
C SER B 169 -11.53 -1.76 6.89
N ILE B 170 -12.42 -1.32 6.01
CA ILE B 170 -12.93 0.06 6.06
C ILE B 170 -14.44 -0.02 6.06
N LEU B 171 -15.05 0.60 7.07
CA LEU B 171 -16.50 0.63 7.24
C LEU B 171 -16.96 2.08 7.26
N LYS B 172 -18.09 2.34 6.62
CA LYS B 172 -18.70 3.66 6.62
C LYS B 172 -19.94 3.62 7.50
N VAL B 173 -20.10 4.61 8.38
CA VAL B 173 -21.22 4.68 9.31
C VAL B 173 -21.88 6.04 9.09
N THR B 174 -23.09 6.03 8.51
CA THR B 174 -23.73 7.30 8.18
C THR B 174 -24.58 7.84 9.33
N GLU B 175 -25.15 6.95 10.12
CA GLU B 175 -26.00 7.31 11.25
C GLU B 175 -26.12 6.08 12.13
N PRO B 176 -26.71 6.19 13.31
CA PRO B 176 -26.85 5.01 14.17
C PRO B 176 -27.48 3.84 13.42
N ASN B 177 -26.84 2.67 13.53
CA ASN B 177 -27.28 1.41 12.93
C ASN B 177 -27.27 1.43 11.41
N ASN B 178 -26.63 2.40 10.78
CA ASN B 178 -26.60 2.46 9.32
C ASN B 178 -25.13 2.43 8.91
N PHE B 179 -24.63 1.25 8.58
CA PHE B 179 -23.21 1.05 8.28
C PHE B 179 -23.06 0.01 7.19
N SER B 180 -21.93 0.08 6.48
CA SER B 180 -21.65 -0.85 5.41
C SER B 180 -20.14 -0.89 5.19
N ARG B 181 -19.67 -1.93 4.52
CA ARG B 181 -18.27 -2.08 4.21
C ARG B 181 -17.96 -1.42 2.87
N VAL B 182 -16.78 -0.77 2.79
CA VAL B 182 -16.27 -0.31 1.49
C VAL B 182 -14.91 -0.96 1.25
N GLY B 183 -14.34 -0.73 0.08
CA GLY B 183 -13.07 -1.36 -0.26
C GLY B 183 -11.95 -1.11 0.71
N GLY B 184 -11.35 -2.18 1.22
CA GLY B 184 -10.21 -2.12 2.11
C GLY B 184 -8.90 -2.38 1.37
N SER B 185 -7.95 -2.98 2.08
CA SER B 185 -6.61 -3.15 1.50
C SER B 185 -5.97 -4.40 2.07
N SER B 186 -5.18 -5.10 1.26
CA SER B 186 -4.40 -6.21 1.82
C SER B 186 -3.06 -5.77 2.38
N LEU B 187 -2.71 -4.49 2.28
CA LEU B 187 -1.43 -3.99 2.80
CA LEU B 187 -1.43 -3.99 2.80
C LEU B 187 -1.70 -3.43 4.20
N GLY B 188 -1.64 -4.32 5.19
CA GLY B 188 -1.90 -3.88 6.55
C GLY B 188 -0.77 -4.18 7.51
N GLY B 189 -1.12 -4.36 8.77
CA GLY B 189 -0.12 -4.67 9.77
C GLY B 189 0.63 -5.97 9.47
N GLY B 190 -0.09 -6.99 9.01
CA GLY B 190 0.56 -8.24 8.64
C GLY B 190 1.62 -8.07 7.57
N THR B 191 1.39 -7.14 6.63
CA THR B 191 2.39 -6.85 5.60
C THR B 191 3.61 -6.17 6.21
N LEU B 192 3.39 -5.15 7.03
CA LEU B 192 4.50 -4.47 7.67
C LEU B 192 5.30 -5.42 8.54
N TRP B 193 4.61 -6.22 9.37
CA TRP B 193 5.31 -7.15 10.26
C TRP B 193 6.00 -8.25 9.47
N GLY B 194 5.35 -8.77 8.43
CA GLY B 194 5.95 -9.83 7.66
C GLY B 194 7.22 -9.39 6.94
N LEU B 195 7.16 -8.22 6.31
CA LEU B 195 8.35 -7.70 5.59
C LEU B 195 9.49 -7.38 6.54
N LEU B 196 9.21 -6.70 7.66
CA LEU B 196 10.30 -6.28 8.53
C LEU B 196 10.87 -7.44 9.33
N SER B 197 10.04 -8.39 9.74
CA SER B 197 10.61 -9.52 10.48
C SER B 197 11.53 -10.33 9.57
N LEU B 198 11.12 -10.56 8.32
CA LEU B 198 11.99 -11.28 7.40
C LEU B 198 13.26 -10.49 7.08
N ILE B 199 13.11 -9.21 6.73
CA ILE B 199 14.26 -8.44 6.26
C ILE B 199 15.20 -8.08 7.41
N THR B 200 14.67 -7.64 8.55
CA THR B 200 15.50 -7.08 9.62
C THR B 200 15.67 -8.03 10.80
N GLY B 201 14.89 -9.08 10.88
CA GLY B 201 15.01 -10.00 12.00
C GLY B 201 14.43 -9.49 13.29
N ALA B 202 13.70 -8.38 13.27
CA ALA B 202 13.04 -7.88 14.46
C ALA B 202 12.20 -8.99 15.10
N GLN B 203 12.30 -9.10 16.43
CA GLN B 203 11.69 -10.19 17.17
C GLN B 203 10.24 -9.92 17.55
N THR B 204 9.87 -8.66 17.72
CA THR B 204 8.52 -8.29 18.13
C THR B 204 8.10 -7.06 17.35
N TYR B 205 6.78 -6.85 17.27
CA TYR B 205 6.30 -5.61 16.66
C TYR B 205 6.86 -4.40 17.40
N ASP B 206 6.95 -4.49 18.72
CA ASP B 206 7.44 -3.34 19.49
C ASP B 206 8.91 -3.03 19.18
N GLN B 207 9.72 -4.06 18.91
CA GLN B 207 11.10 -3.81 18.52
C GLN B 207 11.17 -3.14 17.15
N MET B 208 10.32 -3.56 16.21
CA MET B 208 10.23 -2.91 14.91
C MET B 208 9.92 -1.44 15.06
N LEU B 209 8.96 -1.11 15.95
CA LEU B 209 8.57 0.29 16.13
C LEU B 209 9.68 1.10 16.77
N ASP B 210 10.39 0.51 17.73
CA ASP B 210 11.53 1.20 18.32
C ASP B 210 12.61 1.44 17.28
N TRP B 211 12.90 0.44 16.44
CA TRP B 211 13.89 0.63 15.39
C TRP B 211 13.42 1.68 14.39
N ALA B 212 12.14 1.65 14.02
CA ALA B 212 11.62 2.67 13.12
C ALA B 212 11.80 4.06 13.71
N GLN B 213 11.58 4.21 15.02
CA GLN B 213 11.72 5.51 15.67
C GLN B 213 13.14 6.06 15.52
N GLU B 214 14.15 5.19 15.52
CA GLU B 214 15.54 5.61 15.41
C GLU B 214 15.99 5.81 13.97
N GLY B 215 15.28 5.26 13.00
CA GLY B 215 15.82 5.17 11.66
C GLY B 215 15.80 6.48 10.89
N ASP B 216 16.39 6.43 9.70
CA ASP B 216 16.32 7.51 8.73
C ASP B 216 15.90 6.87 7.41
N ASN B 217 14.65 7.07 6.98
CA ASN B 217 14.21 6.43 5.76
C ASN B 217 14.90 6.99 4.51
N SER B 218 15.50 8.19 4.60
CA SER B 218 16.11 8.78 3.42
C SER B 218 17.25 7.93 2.86
N SER B 219 17.79 6.97 3.61
CA SER B 219 18.86 6.15 3.05
C SER B 219 18.35 5.05 2.12
N VAL B 220 17.08 4.67 2.23
CA VAL B 220 16.51 3.66 1.33
C VAL B 220 15.41 4.22 0.43
N ASP B 221 14.77 5.33 0.80
CA ASP B 221 13.72 5.91 -0.02
C ASP B 221 14.29 6.99 -0.92
N MET B 222 13.66 7.15 -2.08
CA MET B 222 13.93 8.30 -2.93
CA MET B 222 13.92 8.30 -2.95
C MET B 222 12.96 9.42 -2.55
N LEU B 223 13.52 10.56 -2.15
CA LEU B 223 12.71 11.69 -1.77
C LEU B 223 12.46 12.57 -2.99
N VAL B 224 11.43 13.42 -2.88
CA VAL B 224 11.14 14.35 -3.97
C VAL B 224 12.40 15.15 -4.31
N GLY B 225 13.12 15.62 -3.30
CA GLY B 225 14.36 16.34 -3.54
C GLY B 225 15.41 15.54 -4.28
N ASP B 226 15.41 14.21 -4.10
CA ASP B 226 16.34 13.37 -4.85
C ASP B 226 16.04 13.42 -6.34
N ILE B 227 14.76 13.44 -6.72
CA ILE B 227 14.37 13.41 -8.12
C ILE B 227 14.32 14.81 -8.70
N TYR B 228 13.62 15.74 -8.05
CA TYR B 228 13.32 17.05 -8.61
C TYR B 228 14.28 18.15 -8.17
N GLY B 229 15.21 17.85 -7.25
CA GLY B 229 16.03 18.90 -6.69
C GLY B 229 15.20 19.87 -5.87
N THR B 230 15.53 21.15 -5.98
CA THR B 230 14.83 22.20 -5.24
C THR B 230 14.58 23.43 -6.11
N LEU B 237 4.31 18.92 -3.34
CA LEU B 237 5.11 18.08 -2.46
C LEU B 237 6.43 18.75 -2.06
N LYS B 238 6.72 18.75 -0.76
CA LYS B 238 7.97 19.29 -0.25
C LYS B 238 9.14 18.37 -0.63
N SER B 239 10.35 18.92 -0.56
CA SER B 239 11.54 18.15 -0.94
C SER B 239 11.68 16.88 -0.10
N SER B 240 11.30 16.94 1.18
CA SER B 240 11.49 15.82 2.08
C SER B 240 10.41 14.76 1.94
N ALA B 241 9.35 15.02 1.18
CA ALA B 241 8.32 14.03 0.95
C ALA B 241 8.91 12.82 0.23
N ILE B 242 8.27 11.67 0.43
CA ILE B 242 8.75 10.41 -0.15
C ILE B 242 8.20 10.28 -1.56
N ALA B 243 9.08 10.13 -2.53
CA ALA B 243 8.65 9.90 -3.90
C ALA B 243 8.61 8.41 -4.23
N SER B 244 9.55 7.62 -3.73
CA SER B 244 9.60 6.20 -4.04
C SER B 244 10.08 5.46 -2.80
N SER B 245 9.17 4.77 -2.12
CA SER B 245 9.56 3.99 -0.94
C SER B 245 10.48 2.88 -1.38
N PHE B 246 11.58 2.68 -0.65
CA PHE B 246 12.56 1.64 -0.98
C PHE B 246 13.21 1.87 -2.34
N GLY B 247 13.07 3.06 -2.92
CA GLY B 247 13.51 3.30 -4.29
C GLY B 247 15.02 3.38 -4.45
N LYS B 248 15.76 3.61 -3.37
CA LYS B 248 17.22 3.59 -3.46
C LYS B 248 17.79 2.20 -3.35
N VAL B 249 16.98 1.20 -3.04
CA VAL B 249 17.51 -0.13 -2.74
C VAL B 249 17.87 -0.86 -4.03
N PHE B 250 16.97 -0.98 -5.01
CA PHE B 250 17.36 -1.71 -6.21
C PHE B 250 18.49 -0.98 -6.95
N GLN B 251 18.47 0.35 -6.95
CA GLN B 251 19.58 1.13 -7.51
C GLN B 251 20.91 0.70 -6.88
N ASN B 252 20.99 0.78 -5.56
CA ASN B 252 22.23 0.49 -4.82
C ASN B 252 22.42 -0.99 -4.53
N ARG B 253 21.72 -1.87 -5.23
CA ARG B 253 21.87 -3.31 -4.99
C ARG B 253 22.82 -3.95 -6.01
N ASN B 265 19.39 -20.07 -9.07
CA ASN B 265 18.31 -21.05 -8.92
C ASN B 265 18.15 -21.51 -7.47
N LYS B 266 18.45 -20.60 -6.54
CA LYS B 266 18.08 -20.81 -5.14
C LYS B 266 16.57 -20.69 -4.99
N LEU B 267 15.96 -21.65 -4.28
CA LEU B 267 14.51 -21.66 -4.15
C LEU B 267 14.05 -20.87 -2.93
N TYR B 268 14.80 -20.94 -1.83
CA TYR B 268 14.38 -20.40 -0.53
C TYR B 268 15.23 -19.20 -0.13
N SER B 269 14.59 -18.26 0.55
CA SER B 269 15.27 -17.18 1.23
C SER B 269 14.90 -17.19 2.71
N SER B 270 15.77 -16.61 3.53
CA SER B 270 15.53 -16.48 4.95
C SER B 270 16.15 -15.17 5.41
N HIS B 271 15.87 -14.79 6.66
CA HIS B 271 16.53 -13.63 7.22
C HIS B 271 18.06 -13.79 7.14
N GLU B 272 18.57 -14.96 7.48
CA GLU B 272 20.02 -15.16 7.45
C GLU B 272 20.59 -14.91 6.06
N SER B 273 19.88 -15.34 5.02
CA SER B 273 20.40 -15.15 3.66
C SER B 273 20.29 -13.70 3.22
N ILE B 274 19.22 -13.03 3.61
CA ILE B 274 19.07 -11.60 3.34
C ILE B 274 20.17 -10.82 4.05
N GLU B 275 20.37 -11.15 5.33
CA GLU B 275 21.38 -10.47 6.13
C GLU B 275 22.78 -10.76 5.59
N LYS B 276 23.04 -12.02 5.23
CA LYS B 276 24.37 -12.40 4.75
C LYS B 276 24.66 -11.80 3.38
N ASN B 277 23.65 -11.46 2.60
CA ASN B 277 23.86 -10.73 1.36
C ASN B 277 23.93 -9.23 1.57
N ASN B 278 22.93 -8.65 2.26
CA ASN B 278 22.89 -7.20 2.44
C ASN B 278 24.16 -6.67 3.10
N GLY B 279 24.56 -7.28 4.21
CA GLY B 279 25.82 -6.97 4.85
C GLY B 279 26.00 -5.52 5.24
N GLN B 280 25.04 -4.98 5.99
CA GLN B 280 25.05 -3.61 6.49
C GLN B 280 25.03 -2.57 5.37
N MET B 281 24.75 -2.97 4.12
CA MET B 281 24.60 -1.98 3.06
C MET B 281 23.43 -1.05 3.34
N PHE B 282 22.34 -1.58 3.89
CA PHE B 282 21.19 -0.79 4.33
C PHE B 282 20.92 -1.12 5.80
N LYS B 283 20.71 -0.07 6.60
CA LYS B 283 20.59 -0.24 8.04
C LYS B 283 19.17 -0.63 8.44
N ASN B 284 19.06 -1.57 9.39
CA ASN B 284 17.75 -2.05 9.81
C ASN B 284 16.82 -0.95 10.34
N PRO B 285 17.27 -0.01 11.17
CA PRO B 285 16.33 1.06 11.58
C PRO B 285 15.82 1.88 10.41
N ASP B 286 16.66 2.11 9.40
CA ASP B 286 16.24 2.85 8.22
C ASP B 286 15.19 2.07 7.42
N ILE B 287 15.40 0.76 7.28
CA ILE B 287 14.40 -0.09 6.62
C ILE B 287 13.08 -0.07 7.38
N CYS B 288 13.13 -0.16 8.71
CA CYS B 288 11.89 -0.13 9.48
C CYS B 288 11.16 1.20 9.31
N LYS B 289 11.88 2.32 9.37
CA LYS B 289 11.20 3.60 9.23
C LYS B 289 10.57 3.74 7.85
N SER B 290 11.29 3.32 6.81
CA SER B 290 10.78 3.42 5.45
C SER B 290 9.49 2.63 5.27
N LEU B 291 9.47 1.39 5.74
CA LEU B 291 8.29 0.58 5.49
C LEU B 291 7.13 0.96 6.41
N LEU B 292 7.43 1.40 7.64
CA LEU B 292 6.39 1.98 8.48
C LEU B 292 5.74 3.18 7.78
N PHE B 293 6.54 4.08 7.22
CA PHE B 293 5.98 5.22 6.46
C PHE B 293 5.21 4.73 5.24
N ALA B 294 5.78 3.79 4.49
CA ALA B 294 5.13 3.34 3.26
C ALA B 294 3.74 2.76 3.56
N ILE B 295 3.67 1.83 4.51
CA ILE B 295 2.40 1.20 4.83
C ILE B 295 1.44 2.21 5.42
N SER B 296 1.90 3.02 6.38
CA SER B 296 1.02 3.99 7.03
C SER B 296 0.54 5.06 6.05
N ASN B 297 1.43 5.62 5.23
CA ASN B 297 1.00 6.63 4.27
C ASN B 297 0.00 6.04 3.30
N ASN B 298 0.18 4.78 2.92
CA ASN B 298 -0.73 4.15 1.98
C ASN B 298 -2.10 3.95 2.60
N ILE B 299 -2.14 3.51 3.86
CA ILE B 299 -3.40 3.36 4.59
CA ILE B 299 -3.42 3.35 4.55
C ILE B 299 -4.11 4.69 4.67
N GLY B 300 -3.37 5.73 5.07
CA GLY B 300 -3.93 7.07 5.15
C GLY B 300 -4.50 7.54 3.82
N GLN B 301 -3.79 7.25 2.73
CA GLN B 301 -4.29 7.69 1.43
C GLN B 301 -5.58 6.96 1.04
N ILE B 302 -5.63 5.65 1.22
CA ILE B 302 -6.84 4.91 0.87
C ILE B 302 -8.01 5.33 1.74
N ALA B 303 -7.75 5.57 3.02
CA ALA B 303 -8.78 6.12 3.93
C ALA B 303 -9.27 7.46 3.44
N TYR B 304 -8.34 8.34 3.05
CA TYR B 304 -8.71 9.64 2.53
C TYR B 304 -9.58 9.51 1.30
N LEU B 305 -9.19 8.61 0.37
CA LEU B 305 -9.93 8.48 -0.88
C LEU B 305 -11.32 7.93 -0.63
N GLN B 306 -11.44 6.97 0.29
CA GLN B 306 -12.78 6.47 0.59
C GLN B 306 -13.63 7.55 1.27
N ALA B 307 -13.00 8.36 2.12
CA ALA B 307 -13.74 9.43 2.80
C ALA B 307 -14.16 10.50 1.81
N LYS B 308 -13.30 10.78 0.83
CA LYS B 308 -13.64 11.74 -0.22
C LYS B 308 -14.84 11.26 -1.00
N ILE B 309 -14.81 9.99 -1.42
CA ILE B 309 -15.90 9.42 -2.21
C ILE B 309 -17.21 9.48 -1.46
N ASN B 310 -17.15 9.28 -0.15
CA ASN B 310 -18.35 9.18 0.67
C ASN B 310 -18.66 10.47 1.44
N ASN B 311 -18.01 11.57 1.09
CA ASN B 311 -18.17 12.88 1.75
C ASN B 311 -18.20 12.75 3.27
N ILE B 312 -17.13 12.18 3.80
CA ILE B 312 -16.97 11.94 5.24
C ILE B 312 -15.75 12.71 5.70
N GLN B 313 -15.86 13.37 6.86
CA GLN B 313 -14.75 14.12 7.42
C GLN B 313 -14.08 13.42 8.59
N ASN B 314 -14.79 12.56 9.31
CA ASN B 314 -14.27 11.92 10.51
C ASN B 314 -13.78 10.52 10.17
N ILE B 315 -12.50 10.25 10.46
CA ILE B 315 -11.88 8.95 10.15
C ILE B 315 -11.29 8.40 11.45
N TYR B 316 -11.90 7.31 11.94
CA TYR B 316 -11.41 6.61 13.12
C TYR B 316 -10.49 5.48 12.70
N PHE B 317 -9.40 5.29 13.46
CA PHE B 317 -8.54 4.14 13.26
C PHE B 317 -8.72 3.14 14.39
N GLY B 318 -8.99 1.89 14.04
CA GLY B 318 -9.12 0.82 14.99
C GLY B 318 -8.08 -0.25 14.73
N GLY B 319 -8.02 -1.19 15.64
CA GLY B 319 -7.18 -2.36 15.45
C GLY B 319 -5.99 -2.36 16.38
N SER B 320 -4.99 -3.12 15.98
CA SER B 320 -3.79 -3.30 16.79
C SER B 320 -2.57 -2.66 16.14
N TYR B 321 -2.77 -1.74 15.20
CA TYR B 321 -1.68 -1.21 14.40
C TYR B 321 -1.04 0.03 15.01
N THR B 322 -1.84 1.02 15.45
CA THR B 322 -1.20 2.26 15.89
C THR B 322 -0.55 2.11 17.27
N ARG B 323 -1.23 1.42 18.21
CA ARG B 323 -0.63 1.07 19.49
CA ARG B 323 -0.66 1.07 19.51
C ARG B 323 -0.18 2.28 20.29
N GLY B 324 -0.83 3.44 20.07
CA GLY B 324 -0.39 4.63 20.77
C GLY B 324 1.00 5.11 20.38
N HIS B 325 1.54 4.59 19.28
CA HIS B 325 2.87 4.97 18.82
C HIS B 325 2.81 6.35 18.16
N LEU B 326 3.53 7.33 18.73
CA LEU B 326 3.38 8.71 18.27
C LEU B 326 3.72 8.86 16.80
N THR B 327 4.81 8.21 16.35
CA THR B 327 5.21 8.38 14.95
C THR B 327 4.15 7.82 14.00
N THR B 328 3.63 6.63 14.32
CA THR B 328 2.58 6.06 13.48
C THR B 328 1.35 6.97 13.45
N MET B 329 0.92 7.45 14.62
CA MET B 329 -0.25 8.31 14.66
C MET B 329 0.00 9.62 13.90
N ASN B 330 1.17 10.22 14.09
CA ASN B 330 1.47 11.42 13.34
C ASN B 330 1.42 11.16 11.83
N THR B 331 1.96 10.02 11.40
CA THR B 331 2.01 9.71 9.97
C THR B 331 0.61 9.58 9.39
N LEU B 332 -0.25 8.82 10.07
CA LEU B 332 -1.62 8.67 9.62
C LEU B 332 -2.35 10.00 9.63
N SER B 333 -2.20 10.77 10.71
CA SER B 333 -2.89 12.05 10.81
C SER B 333 -2.42 13.00 9.71
N TYR B 334 -1.12 13.02 9.46
CA TYR B 334 -0.60 13.95 8.45
C TYR B 334 -1.11 13.60 7.07
N ALA B 335 -1.17 12.31 6.75
CA ALA B 335 -1.66 11.87 5.45
C ALA B 335 -3.10 12.34 5.22
N ILE B 336 -3.96 12.16 6.22
CA ILE B 336 -5.35 12.57 6.06
C ILE B 336 -5.44 14.08 5.95
N ASN B 337 -4.71 14.79 6.81
CA ASN B 337 -4.73 16.25 6.78
C ASN B 337 -4.18 16.78 5.46
N PHE B 338 -3.12 16.17 4.94
CA PHE B 338 -2.49 16.61 3.71
C PHE B 338 -3.43 16.49 2.50
N TRP B 339 -3.92 15.28 2.24
CA TRP B 339 -4.75 15.06 1.05
C TRP B 339 -6.06 15.83 1.10
N SER B 340 -6.57 16.11 2.29
CA SER B 340 -7.84 16.79 2.45
C SER B 340 -7.68 18.29 2.61
N GLN B 341 -6.45 18.80 2.57
CA GLN B 341 -6.17 20.21 2.85
C GLN B 341 -6.83 20.65 4.15
N GLY B 342 -6.76 19.79 5.16
CA GLY B 342 -7.26 20.14 6.48
C GLY B 342 -8.73 19.84 6.72
N SER B 343 -9.48 19.40 5.71
CA SER B 343 -10.92 19.25 5.90
C SER B 343 -11.31 17.93 6.55
N LYS B 344 -10.41 16.95 6.59
CA LYS B 344 -10.70 15.67 7.22
C LYS B 344 -9.72 15.47 8.38
N GLN B 345 -10.11 14.59 9.31
CA GLN B 345 -9.40 14.46 10.58
C GLN B 345 -9.32 13.00 11.00
N ALA B 346 -8.12 12.58 11.43
CA ALA B 346 -7.90 11.23 11.93
C ALA B 346 -8.13 11.20 13.44
N PHE B 347 -8.85 10.17 13.90
CA PHE B 347 -9.14 9.99 15.32
C PHE B 347 -8.62 8.63 15.76
N PHE B 348 -8.09 8.58 16.97
CA PHE B 348 -7.55 7.36 17.54
C PHE B 348 -8.31 7.02 18.82
N LEU B 349 -8.20 5.76 19.24
CA LEU B 349 -8.98 5.24 20.35
C LEU B 349 -8.08 4.57 21.36
N LYS B 350 -8.24 4.90 22.65
CA LYS B 350 -7.42 4.26 23.67
C LYS B 350 -7.67 2.75 23.72
N HIS B 351 -8.85 2.29 23.33
CA HIS B 351 -9.14 0.86 23.30
C HIS B 351 -9.32 0.39 21.87
N GLU B 352 -8.45 0.86 20.97
CA GLU B 352 -8.60 0.61 19.53
C GLU B 352 -8.65 -0.87 19.19
N GLY B 353 -7.96 -1.73 19.93
CA GLY B 353 -7.99 -3.11 19.51
C GLY B 353 -9.22 -3.88 19.94
N TYR B 354 -10.08 -3.27 20.76
CA TYR B 354 -11.17 -3.96 21.43
C TYR B 354 -12.54 -3.65 20.85
N LEU B 355 -12.61 -2.92 19.74
CA LEU B 355 -13.91 -2.49 19.20
C LEU B 355 -14.84 -3.67 18.97
N GLY B 356 -14.33 -4.72 18.30
CA GLY B 356 -15.20 -5.84 17.94
C GLY B 356 -15.60 -6.67 19.15
N ALA B 357 -14.63 -6.94 20.04
CA ALA B 357 -14.97 -7.67 21.25
C ALA B 357 -15.97 -6.88 22.09
N MET B 358 -15.84 -5.55 22.10
CA MET B 358 -16.78 -4.74 22.87
CA MET B 358 -16.79 -4.73 22.85
C MET B 358 -18.18 -4.83 22.26
N GLY B 359 -18.29 -4.74 20.93
CA GLY B 359 -19.58 -4.91 20.28
C GLY B 359 -20.18 -6.27 20.61
N ALA B 360 -19.37 -7.32 20.53
CA ALA B 360 -19.88 -8.66 20.87
C ALA B 360 -20.31 -8.73 22.32
N PHE B 361 -19.52 -8.15 23.23
CA PHE B 361 -19.89 -8.16 24.65
C PHE B 361 -21.25 -7.51 24.87
N LEU B 362 -21.48 -6.37 24.23
CA LEU B 362 -22.73 -5.65 24.43
C LEU B 362 -23.93 -6.48 23.96
N SER B 363 -23.77 -7.22 22.87
CA SER B 363 -24.87 -8.05 22.39
CA SER B 363 -24.87 -8.05 22.38
C SER B 363 -25.22 -9.16 23.38
N ALA B 364 -24.21 -9.80 23.96
CA ALA B 364 -24.47 -10.87 24.93
C ALA B 364 -25.06 -10.30 26.22
N SER B 365 -24.57 -9.14 26.65
CA SER B 365 -25.13 -8.48 27.83
C SER B 365 -26.62 -8.20 27.65
N ARG B 366 -27.01 -7.78 26.44
CA ARG B 366 -28.42 -7.55 26.14
C ARG B 366 -29.22 -8.85 26.24
N HIS B 367 -28.65 -9.96 25.79
CA HIS B 367 -29.37 -11.23 25.84
C HIS B 367 -29.57 -11.69 27.28
N SER B 368 -28.59 -11.47 28.14
CA SER B 368 -28.71 -11.94 29.52
C SER B 368 -29.43 -10.95 30.43
N SER B 369 -29.86 -9.81 29.90
CA SER B 369 -30.64 -8.83 30.66
C SER B 369 -32.14 -9.03 30.43
MG MG C . 14.22 25.45 -21.88
#